data_8CZA
#
_entry.id   8CZA
#
_cell.length_a   94.801
_cell.length_b   175.737
_cell.length_c   143.071
_cell.angle_alpha   90.000
_cell.angle_beta   90.000
_cell.angle_gamma   90.000
#
_symmetry.space_group_name_H-M   'C 2 2 21'
#
loop_
_entity.id
_entity.type
_entity.pdbx_description
1 polymer 'Bromodomain testis-specific protein'
2 non-polymer 4-[(4-{4-chloro-3-[(2-methylpropane-2-sulfonyl)amino]anilino}-5-methylpyrimidin-2-yl)amino]-2-fluoro-N-[1-(14-{3-[(2-{3-fluoro-4-[(piperidin-4-yl)carbamoyl]anilino}-5-methylpyrimidin-4-yl)amino]-5-[(2-methylpropane-2-sulfonyl)amino]phenyl}-14-oxo-4,7,10-trioxa-13-azatetradecanan-1-oyl)piperidin-4-yl]benzamide
3 non-polymer 'SODIUM ION'
4 water water
#
_entity_poly.entity_id   1
_entity_poly.type   'polypeptide(L)'
_entity_poly.pdbx_seq_one_letter_code
;GAASTNQLQYLQKVVLKDLWKHSFSWPFQRPVDAVKLQLPDYYTIIKNPMDLNTIKKRLENKYYAKASECIEDFNTMFSN
CYLYNKPGDDIVLMAQALEKLFMQKLSQMPQEE
;
_entity_poly.pdbx_strand_id   A,B,C,D,E,F
#
loop_
_chem_comp.id
_chem_comp.type
_chem_comp.name
_chem_comp.formula
NA non-polymer 'SODIUM ION' 'Na 1'
ZN1 non-polymer 4-[(4-{4-chloro-3-[(2-methylpropane-2-sulfonyl)amino]anilino}-5-methylpyrimidin-2-yl)amino]-2-fluoro-N-[1-(14-{3-[(2-{3-fluoro-4-[(piperidin-4-yl)carbamoyl]anilino}-5-methylpyrimidin-4-yl)amino]-5-[(2-methylpropane-2-sulfonyl)amino]phenyl}-14-oxo-4,7,10-trioxa-13-azatetradecanan-1-oyl)piperidin-4-yl]benzamide 'C64 H82 Cl F2 N15 O11 S2'
#
# COMPACT_ATOMS: atom_id res chain seq x y z
N ALA A 3 20.37 -39.67 -20.27
CA ALA A 3 20.32 -40.72 -19.25
C ALA A 3 19.84 -40.13 -17.92
N SER A 4 20.63 -40.32 -16.87
CA SER A 4 20.31 -39.79 -15.54
C SER A 4 21.11 -38.54 -15.21
N THR A 5 21.70 -37.90 -16.21
CA THR A 5 22.60 -36.76 -16.00
C THR A 5 22.05 -35.46 -16.55
N ASN A 6 21.00 -35.50 -17.38
CA ASN A 6 20.27 -34.28 -17.69
C ASN A 6 19.60 -33.71 -16.43
N GLN A 7 19.17 -34.61 -15.54
CA GLN A 7 18.64 -34.16 -14.26
C GLN A 7 19.69 -33.44 -13.43
N LEU A 8 20.97 -33.78 -13.61
CA LEU A 8 21.97 -33.39 -12.64
C LEU A 8 22.39 -31.93 -12.79
N GLN A 9 22.37 -31.38 -14.01
CA GLN A 9 22.68 -29.98 -14.19
C GLN A 9 21.45 -29.09 -14.12
N TYR A 10 20.25 -29.67 -14.21
CA TYR A 10 19.05 -28.97 -13.76
C TYR A 10 19.25 -28.48 -12.33
N LEU A 11 19.77 -29.37 -11.47
CA LEU A 11 20.00 -29.01 -10.07
C LEU A 11 21.05 -27.92 -9.93
N GLN A 12 22.03 -27.89 -10.83
CA GLN A 12 23.06 -26.86 -10.76
C GLN A 12 22.55 -25.52 -11.29
N LYS A 13 22.05 -25.52 -12.53
CA LYS A 13 21.74 -24.29 -13.23
C LYS A 13 20.36 -23.73 -12.91
N VAL A 14 19.53 -24.48 -12.17
CA VAL A 14 18.17 -24.03 -11.88
C VAL A 14 17.92 -24.04 -10.38
N VAL A 15 17.97 -25.21 -9.76
CA VAL A 15 17.61 -25.36 -8.35
C VAL A 15 18.61 -24.60 -7.48
N LEU A 16 19.86 -25.07 -7.45
CA LEU A 16 20.86 -24.45 -6.58
C LEU A 16 20.90 -22.94 -6.78
N LYS A 17 20.78 -22.48 -8.03
CA LYS A 17 20.83 -21.05 -8.31
C LYS A 17 19.52 -20.36 -7.94
N ASP A 18 18.41 -21.09 -7.94
CA ASP A 18 17.16 -20.52 -7.47
C ASP A 18 17.08 -20.51 -5.95
N LEU A 19 17.66 -21.51 -5.28
CA LEU A 19 17.74 -21.50 -3.83
C LEU A 19 18.72 -20.44 -3.33
N TRP A 20 19.80 -20.20 -4.08
CA TRP A 20 20.81 -19.25 -3.62
C TRP A 20 20.25 -17.84 -3.53
N LYS A 21 19.50 -17.41 -4.55
CA LYS A 21 18.95 -16.06 -4.57
C LYS A 21 17.65 -15.94 -3.77
N HIS A 22 17.30 -16.95 -2.99
CA HIS A 22 16.14 -16.87 -2.11
C HIS A 22 16.49 -16.07 -0.85
N SER A 23 15.50 -15.31 -0.35
CA SER A 23 15.74 -14.40 0.75
C SER A 23 16.15 -15.09 2.04
N PHE A 24 16.03 -16.42 2.11
CA PHE A 24 16.25 -17.15 3.35
C PHE A 24 17.48 -18.05 3.30
N SER A 25 18.22 -18.05 2.20
CA SER A 25 19.25 -19.04 1.96
C SER A 25 20.60 -18.69 2.58
N TRP A 26 20.68 -17.61 3.36
CA TRP A 26 21.99 -17.14 3.81
C TRP A 26 22.48 -17.82 5.09
N PRO A 27 21.61 -18.34 5.96
CA PRO A 27 22.12 -19.18 7.06
C PRO A 27 22.61 -20.53 6.58
N PHE A 28 22.28 -20.92 5.34
CA PHE A 28 22.66 -22.21 4.80
C PHE A 28 23.68 -22.10 3.66
N GLN A 29 24.16 -20.90 3.35
CA GLN A 29 25.12 -20.74 2.26
C GLN A 29 26.47 -21.35 2.61
N ARG A 30 26.98 -21.02 3.79
CA ARG A 30 28.35 -21.36 4.16
C ARG A 30 28.39 -22.25 5.39
N PRO A 31 29.55 -22.79 5.75
CA PRO A 31 29.61 -23.70 6.90
C PRO A 31 29.30 -22.98 8.21
N VAL A 32 28.49 -23.66 9.04
CA VAL A 32 28.10 -23.13 10.35
C VAL A 32 29.35 -22.80 11.16
N ASP A 33 29.50 -21.53 11.52
CA ASP A 33 30.57 -21.11 12.43
C ASP A 33 30.10 -21.41 13.85
N ALA A 34 30.55 -22.55 14.40
CA ALA A 34 30.00 -23.02 15.66
C ALA A 34 30.39 -22.15 16.83
N VAL A 35 31.56 -21.52 16.78
CA VAL A 35 32.02 -20.73 17.93
C VAL A 35 31.30 -19.38 17.99
N LYS A 36 31.24 -18.67 16.87
CA LYS A 36 30.64 -17.33 16.88
C LYS A 36 29.12 -17.37 17.04
N LEU A 37 28.52 -18.55 16.96
CA LEU A 37 27.08 -18.70 17.15
C LEU A 37 26.73 -19.32 18.50
N GLN A 38 27.72 -19.54 19.38
CA GLN A 38 27.48 -20.06 20.72
C GLN A 38 26.77 -21.41 20.66
N LEU A 39 27.34 -22.32 19.86
CA LEU A 39 26.83 -23.68 19.74
C LEU A 39 28.02 -24.63 19.77
N PRO A 40 28.42 -25.11 20.98
CA PRO A 40 29.69 -25.84 21.05
C PRO A 40 29.49 -27.33 20.84
N ASP A 41 28.47 -27.70 20.07
CA ASP A 41 28.13 -29.10 19.83
C ASP A 41 27.73 -29.41 18.40
N TYR A 42 27.51 -28.41 17.55
CA TYR A 42 26.99 -28.66 16.21
C TYR A 42 27.82 -29.66 15.44
N TYR A 43 29.13 -29.68 15.64
CA TYR A 43 30.00 -30.57 14.88
C TYR A 43 30.32 -31.87 15.62
N THR A 44 29.91 -31.99 16.87
CA THR A 44 29.84 -33.29 17.53
C THR A 44 28.47 -33.93 17.41
N ILE A 45 27.45 -33.13 17.11
CA ILE A 45 26.09 -33.64 16.96
C ILE A 45 25.81 -34.08 15.52
N ILE A 46 26.42 -33.41 14.54
CA ILE A 46 26.06 -33.55 13.14
C ILE A 46 27.20 -34.25 12.42
N LYS A 47 26.99 -35.53 12.08
CA LYS A 47 28.02 -36.33 11.44
C LYS A 47 28.10 -36.13 9.93
N ASN A 48 27.32 -35.21 9.38
CA ASN A 48 27.28 -35.00 7.94
C ASN A 48 27.02 -33.52 7.65
N PRO A 49 27.91 -32.62 8.08
CA PRO A 49 27.67 -31.19 7.86
C PRO A 49 27.51 -30.88 6.38
N MET A 50 26.43 -30.18 6.05
CA MET A 50 26.10 -29.89 4.65
C MET A 50 25.52 -28.49 4.56
N ASP A 51 26.15 -27.63 3.75
CA ASP A 51 25.62 -26.32 3.42
C ASP A 51 25.48 -26.23 1.90
N LEU A 52 25.07 -25.04 1.43
CA LEU A 52 24.78 -24.85 0.02
C LEU A 52 26.06 -24.76 -0.81
N ASN A 53 27.08 -24.08 -0.28
CA ASN A 53 28.32 -23.93 -1.04
C ASN A 53 28.97 -25.28 -1.33
N THR A 54 28.74 -26.27 -0.46
CA THR A 54 29.34 -27.58 -0.69
C THR A 54 28.61 -28.33 -1.81
N ILE A 55 27.31 -28.11 -1.97
CA ILE A 55 26.62 -28.64 -3.15
C ILE A 55 27.21 -28.02 -4.41
N LYS A 56 27.26 -26.69 -4.46
CA LYS A 56 27.79 -25.94 -5.59
C LYS A 56 29.07 -26.54 -6.13
N LYS A 57 29.95 -26.99 -5.23
CA LYS A 57 31.27 -27.46 -5.63
C LYS A 57 31.25 -28.93 -6.04
N ARG A 58 30.38 -29.75 -5.44
CA ARG A 58 30.23 -31.13 -5.88
C ARG A 58 29.51 -31.22 -7.21
N LEU A 59 28.77 -30.18 -7.59
CA LEU A 59 28.22 -30.08 -8.94
C LEU A 59 29.28 -29.55 -9.91
N GLU A 60 29.97 -28.47 -9.51
CA GLU A 60 31.11 -28.00 -10.30
C GLU A 60 32.14 -29.10 -10.47
N ASN A 61 32.41 -29.86 -9.40
CA ASN A 61 33.37 -30.97 -9.46
C ASN A 61 32.82 -32.19 -10.17
N LYS A 62 31.51 -32.26 -10.43
CA LYS A 62 30.90 -33.45 -11.03
C LYS A 62 31.10 -34.68 -10.15
N TYR A 63 31.16 -34.46 -8.83
CA TYR A 63 31.33 -35.58 -7.90
C TYR A 63 30.10 -36.47 -7.87
N TYR A 64 28.91 -35.90 -8.00
CA TYR A 64 27.70 -36.70 -7.93
C TYR A 64 27.54 -37.56 -9.19
N ALA A 65 27.57 -38.87 -9.01
CA ALA A 65 27.15 -39.82 -10.03
C ALA A 65 25.71 -40.22 -9.72
N LYS A 66 24.82 -40.07 -10.71
CA LYS A 66 23.39 -40.24 -10.49
C LYS A 66 22.87 -39.15 -9.57
N ALA A 67 21.92 -38.34 -10.07
CA ALA A 67 21.43 -37.22 -9.28
C ALA A 67 20.78 -37.67 -7.98
N SER A 68 20.42 -38.94 -7.85
CA SER A 68 19.95 -39.46 -6.57
C SER A 68 20.90 -39.05 -5.46
N GLU A 69 22.21 -39.27 -5.67
CA GLU A 69 23.19 -38.90 -4.66
C GLU A 69 23.12 -37.44 -4.29
N CYS A 70 22.72 -36.57 -5.23
CA CYS A 70 22.74 -35.13 -5.00
C CYS A 70 21.58 -34.68 -4.12
N ILE A 71 20.35 -35.07 -4.48
CA ILE A 71 19.21 -34.75 -3.65
C ILE A 71 19.49 -35.12 -2.19
N GLU A 72 20.04 -36.32 -1.98
CA GLU A 72 20.35 -36.81 -0.64
C GLU A 72 21.01 -35.74 0.22
N ASP A 73 21.87 -34.92 -0.39
CA ASP A 73 22.57 -33.89 0.37
C ASP A 73 21.69 -32.67 0.62
N PHE A 74 20.90 -32.27 -0.38
CA PHE A 74 19.94 -31.20 -0.15
C PHE A 74 19.07 -31.51 1.06
N ASN A 75 18.55 -32.73 1.13
CA ASN A 75 17.75 -33.14 2.29
C ASN A 75 18.60 -33.21 3.55
N THR A 76 19.83 -33.72 3.42
CA THR A 76 20.73 -33.76 4.57
C THR A 76 20.90 -32.37 5.19
N MET A 77 20.82 -31.33 4.36
CA MET A 77 20.98 -29.97 4.86
C MET A 77 19.75 -29.52 5.64
N PHE A 78 18.56 -29.88 5.17
CA PHE A 78 17.35 -29.58 5.94
C PHE A 78 17.23 -30.50 7.14
N SER A 79 17.52 -31.80 6.97
CA SER A 79 17.40 -32.73 8.07
C SER A 79 18.43 -32.44 9.16
N ASN A 80 19.68 -32.13 8.76
CA ASN A 80 20.66 -31.64 9.72
C ASN A 80 20.05 -30.55 10.59
N CYS A 81 19.33 -29.62 9.95
CA CYS A 81 18.69 -28.52 10.67
C CYS A 81 17.65 -29.04 11.64
N TYR A 82 16.70 -29.83 11.14
CA TYR A 82 15.56 -30.24 11.97
C TYR A 82 16.03 -31.07 13.17
N LEU A 83 16.97 -31.99 12.95
CA LEU A 83 17.48 -32.78 14.07
C LEU A 83 18.03 -31.87 15.16
N TYR A 84 18.95 -30.98 14.79
CA TYR A 84 19.64 -30.16 15.77
C TYR A 84 18.69 -29.23 16.50
N ASN A 85 17.86 -28.50 15.75
CA ASN A 85 16.98 -27.50 16.34
C ASN A 85 15.70 -28.17 16.82
N LYS A 86 14.65 -27.37 17.07
CA LYS A 86 13.39 -27.90 17.57
C LYS A 86 12.22 -27.20 16.89
N PRO A 87 11.00 -27.72 17.04
CA PRO A 87 9.86 -27.10 16.37
C PRO A 87 9.65 -25.67 16.81
N GLY A 88 9.52 -24.78 15.83
CA GLY A 88 9.18 -23.38 16.05
C GLY A 88 10.35 -22.44 15.85
N ASP A 89 11.58 -22.91 16.09
CA ASP A 89 12.75 -22.06 15.94
C ASP A 89 12.72 -21.34 14.59
N ASP A 90 13.22 -20.10 14.58
CA ASP A 90 13.19 -19.31 13.36
C ASP A 90 14.03 -19.95 12.27
N ILE A 91 15.20 -20.51 12.64
CA ILE A 91 16.03 -21.19 11.64
C ILE A 91 15.26 -22.33 10.99
N VAL A 92 14.31 -22.93 11.72
CA VAL A 92 13.61 -24.10 11.19
C VAL A 92 12.53 -23.68 10.21
N LEU A 93 11.85 -22.57 10.47
CA LEU A 93 10.83 -22.10 9.53
C LEU A 93 11.46 -21.51 8.27
N MET A 94 12.70 -21.00 8.38
CA MET A 94 13.44 -20.64 7.18
C MET A 94 13.78 -21.87 6.36
N ALA A 95 14.10 -22.98 7.03
CA ALA A 95 14.37 -24.23 6.34
C ALA A 95 13.09 -24.78 5.71
N GLN A 96 11.99 -24.79 6.46
CA GLN A 96 10.75 -25.35 5.96
C GLN A 96 10.24 -24.63 4.72
N ALA A 97 10.71 -23.40 4.47
CA ALA A 97 10.33 -22.66 3.27
C ALA A 97 11.31 -22.82 2.12
N LEU A 98 12.60 -23.05 2.42
CA LEU A 98 13.53 -23.47 1.38
C LEU A 98 13.20 -24.88 0.91
N GLU A 99 13.03 -25.81 1.86
CA GLU A 99 12.57 -27.15 1.52
C GLU A 99 11.37 -27.09 0.60
N LYS A 100 10.52 -26.08 0.76
CA LYS A 100 9.28 -25.99 -0.01
C LYS A 100 9.56 -25.60 -1.45
N LEU A 101 10.43 -24.60 -1.66
CA LEU A 101 10.79 -24.20 -3.01
C LEU A 101 11.57 -25.31 -3.72
N PHE A 102 12.57 -25.86 -3.03
CA PHE A 102 13.33 -26.99 -3.56
C PHE A 102 12.40 -28.10 -4.04
N MET A 103 11.41 -28.46 -3.22
CA MET A 103 10.47 -29.50 -3.63
C MET A 103 9.61 -29.06 -4.80
N GLN A 104 9.40 -27.76 -4.97
CA GLN A 104 8.61 -27.26 -6.09
C GLN A 104 9.34 -27.41 -7.41
N LYS A 105 10.66 -27.56 -7.39
CA LYS A 105 11.44 -27.75 -8.61
C LYS A 105 11.54 -29.24 -8.99
N LEU A 106 10.40 -29.93 -8.95
CA LEU A 106 10.32 -31.31 -9.43
C LEU A 106 9.82 -31.30 -10.87
N SER A 107 10.72 -30.88 -11.77
CA SER A 107 10.40 -30.74 -13.18
C SER A 107 11.15 -31.74 -14.03
N GLN A 108 12.48 -31.70 -14.03
CA GLN A 108 13.28 -32.75 -14.65
C GLN A 108 14.61 -32.89 -13.93
N THR B 5 -19.58 -8.10 19.16
CA THR B 5 -20.67 -9.08 19.04
C THR B 5 -20.45 -9.96 17.80
N ASN B 6 -21.13 -9.62 16.71
CA ASN B 6 -21.03 -10.42 15.49
C ASN B 6 -19.62 -10.35 14.90
N GLN B 7 -19.10 -9.14 14.72
CA GLN B 7 -17.89 -8.96 13.94
C GLN B 7 -16.69 -9.67 14.56
N LEU B 8 -16.62 -9.74 15.89
CA LEU B 8 -15.43 -10.31 16.52
C LEU B 8 -15.24 -11.77 16.10
N GLN B 9 -16.33 -12.50 15.88
CA GLN B 9 -16.20 -13.84 15.31
C GLN B 9 -15.53 -13.78 13.95
N TYR B 10 -15.93 -12.82 13.11
CA TYR B 10 -15.35 -12.71 11.78
C TYR B 10 -13.84 -12.57 11.84
N LEU B 11 -13.33 -11.77 12.78
CA LEU B 11 -11.89 -11.56 12.88
C LEU B 11 -11.18 -12.83 13.32
N GLN B 12 -11.85 -13.67 14.11
CA GLN B 12 -11.31 -15.01 14.41
C GLN B 12 -11.28 -15.87 13.16
N LYS B 13 -12.45 -16.09 12.55
CA LYS B 13 -12.65 -17.18 11.60
C LYS B 13 -12.25 -16.84 10.18
N VAL B 14 -11.99 -15.57 9.86
CA VAL B 14 -11.61 -15.19 8.50
C VAL B 14 -10.25 -14.51 8.50
N VAL B 15 -10.16 -13.34 9.13
CA VAL B 15 -8.95 -12.53 9.02
C VAL B 15 -7.76 -13.24 9.67
N LEU B 16 -7.89 -13.57 10.96
CA LEU B 16 -6.80 -14.23 11.67
C LEU B 16 -6.51 -15.61 11.10
N LYS B 17 -7.57 -16.35 10.74
CA LYS B 17 -7.38 -17.67 10.13
C LYS B 17 -6.51 -17.57 8.89
N ASP B 18 -6.80 -16.60 8.02
CA ASP B 18 -6.10 -16.50 6.74
C ASP B 18 -4.71 -15.89 6.91
N LEU B 19 -4.57 -14.91 7.81
CA LEU B 19 -3.26 -14.34 8.06
C LEU B 19 -2.31 -15.36 8.67
N TRP B 20 -2.83 -16.20 9.58
CA TRP B 20 -1.96 -17.17 10.24
C TRP B 20 -1.34 -18.15 9.26
N LYS B 21 -2.06 -18.49 8.18
CA LYS B 21 -1.62 -19.51 7.24
C LYS B 21 -0.90 -18.94 6.03
N HIS B 22 -0.59 -17.65 6.02
CA HIS B 22 0.18 -17.08 4.93
C HIS B 22 1.65 -17.46 5.08
N SER B 23 2.34 -17.49 3.94
CA SER B 23 3.74 -17.91 3.95
C SER B 23 4.61 -16.99 4.80
N PHE B 24 4.23 -15.71 4.91
CA PHE B 24 5.09 -14.72 5.56
C PHE B 24 4.70 -14.41 6.99
N SER B 25 3.64 -15.02 7.53
CA SER B 25 3.11 -14.58 8.81
C SER B 25 3.95 -15.03 10.00
N TRP B 26 4.92 -15.91 9.82
CA TRP B 26 5.54 -16.55 10.98
C TRP B 26 6.45 -15.61 11.78
N PRO B 27 7.10 -14.62 11.17
CA PRO B 27 7.89 -13.68 11.99
C PRO B 27 7.07 -12.69 12.77
N PHE B 28 5.73 -12.79 12.71
CA PHE B 28 4.85 -11.92 13.47
C PHE B 28 3.97 -12.69 14.45
N GLN B 29 4.17 -14.00 14.57
CA GLN B 29 3.29 -14.80 15.42
C GLN B 29 3.74 -14.81 16.88
N ARG B 30 5.03 -14.67 17.14
CA ARG B 30 5.57 -14.74 18.48
C ARG B 30 6.46 -13.54 18.76
N PRO B 31 6.71 -13.24 20.03
CA PRO B 31 7.59 -12.11 20.36
C PRO B 31 8.94 -12.22 19.67
N VAL B 32 9.43 -11.08 19.16
CA VAL B 32 10.75 -11.04 18.56
C VAL B 32 11.80 -11.11 19.66
N ASP B 33 12.76 -12.02 19.51
CA ASP B 33 13.93 -12.07 20.39
C ASP B 33 15.02 -11.24 19.72
N ALA B 34 15.05 -9.94 20.03
CA ALA B 34 16.06 -9.06 19.45
C ALA B 34 17.45 -9.40 19.97
N VAL B 35 17.56 -10.08 21.11
CA VAL B 35 18.86 -10.52 21.59
C VAL B 35 19.53 -11.40 20.56
N LYS B 36 18.78 -12.38 20.04
CA LYS B 36 19.32 -13.38 19.13
C LYS B 36 19.45 -12.82 17.71
N LEU B 37 18.37 -12.22 17.20
CA LEU B 37 18.42 -11.61 15.87
C LEU B 37 19.37 -10.43 15.80
N GLN B 38 19.85 -9.94 16.95
CA GLN B 38 20.78 -8.82 17.00
C GLN B 38 20.16 -7.54 16.43
N LEU B 39 19.03 -7.15 17.04
CA LEU B 39 18.34 -5.92 16.65
C LEU B 39 18.55 -4.87 17.72
N PRO B 40 19.36 -3.84 17.50
CA PRO B 40 19.64 -2.88 18.57
C PRO B 40 18.40 -2.10 18.98
N ASP B 41 18.26 -1.92 20.30
CA ASP B 41 17.27 -1.02 20.88
C ASP B 41 15.84 -1.40 20.51
N TYR B 42 15.59 -2.66 20.17
CA TYR B 42 14.29 -3.03 19.61
C TYR B 42 13.15 -2.67 20.55
N TYR B 43 13.15 -3.25 21.74
CA TYR B 43 12.06 -3.00 22.69
C TYR B 43 12.20 -1.66 23.39
N THR B 44 13.20 -0.85 23.04
CA THR B 44 13.24 0.55 23.40
C THR B 44 12.51 1.40 22.37
N ILE B 45 12.62 1.05 21.09
CA ILE B 45 11.89 1.74 20.04
C ILE B 45 10.42 1.37 20.07
N ILE B 46 10.13 0.08 20.20
CA ILE B 46 8.76 -0.43 20.15
C ILE B 46 8.20 -0.39 21.57
N LYS B 47 7.44 0.67 21.87
CA LYS B 47 6.84 0.78 23.20
C LYS B 47 5.85 -0.35 23.45
N ASN B 48 5.13 -0.78 22.41
CA ASN B 48 3.98 -1.66 22.56
C ASN B 48 4.11 -2.79 21.53
N PRO B 49 4.82 -3.86 21.87
CA PRO B 49 5.05 -4.92 20.89
C PRO B 49 3.79 -5.74 20.64
N MET B 50 3.68 -6.26 19.42
CA MET B 50 2.51 -7.05 19.07
C MET B 50 2.91 -8.26 18.23
N ASP B 51 2.35 -9.41 18.60
CA ASP B 51 2.47 -10.67 17.88
C ASP B 51 1.07 -11.16 17.52
N LEU B 52 1.00 -12.16 16.65
CA LEU B 52 -0.31 -12.68 16.27
C LEU B 52 -0.86 -13.66 17.29
N ASN B 53 0.02 -14.33 18.04
CA ASN B 53 -0.46 -15.20 19.11
C ASN B 53 -1.25 -14.40 20.14
N THR B 54 -0.82 -13.17 20.41
CA THR B 54 -1.55 -12.34 21.38
C THR B 54 -2.93 -11.99 20.85
N ILE B 55 -3.06 -11.71 19.56
CA ILE B 55 -4.37 -11.48 18.99
C ILE B 55 -5.19 -12.78 18.97
N LYS B 56 -4.51 -13.92 18.91
CA LYS B 56 -5.22 -15.20 19.01
C LYS B 56 -5.79 -15.39 20.41
N LYS B 57 -4.96 -15.19 21.43
CA LYS B 57 -5.42 -15.40 22.80
C LYS B 57 -6.51 -14.42 23.18
N ARG B 58 -6.38 -13.15 22.76
CA ARG B 58 -7.36 -12.15 23.12
C ARG B 58 -8.72 -12.44 22.49
N LEU B 59 -8.73 -13.09 21.33
CA LEU B 59 -10.00 -13.46 20.71
C LEU B 59 -10.53 -14.76 21.29
N GLU B 60 -9.65 -15.71 21.62
CA GLU B 60 -10.08 -16.92 22.30
C GLU B 60 -10.62 -16.58 23.69
N ASN B 61 -9.84 -15.83 24.47
CA ASN B 61 -10.23 -15.41 25.80
C ASN B 61 -11.30 -14.33 25.80
N LYS B 62 -11.80 -13.93 24.63
CA LYS B 62 -12.90 -12.96 24.52
C LYS B 62 -12.62 -11.70 25.35
N TYR B 63 -11.39 -11.17 25.21
CA TYR B 63 -11.03 -9.96 25.94
C TYR B 63 -11.48 -8.71 25.20
N TYR B 64 -11.53 -8.76 23.87
CA TYR B 64 -12.01 -7.61 23.11
C TYR B 64 -13.49 -7.37 23.38
N ALA B 65 -13.85 -6.10 23.57
CA ALA B 65 -15.25 -5.70 23.65
C ALA B 65 -15.79 -5.20 22.32
N LYS B 66 -14.91 -4.83 21.39
CA LYS B 66 -15.32 -4.33 20.09
C LYS B 66 -14.25 -4.65 19.07
N ALA B 67 -14.67 -4.96 17.84
CA ALA B 67 -13.72 -5.29 16.79
C ALA B 67 -12.71 -4.18 16.57
N SER B 68 -13.11 -2.93 16.84
CA SER B 68 -12.17 -1.82 16.77
C SER B 68 -10.92 -2.13 17.57
N GLU B 69 -11.08 -2.47 18.85
CA GLU B 69 -9.94 -2.82 19.69
C GLU B 69 -9.05 -3.85 19.00
N CYS B 70 -9.66 -4.78 18.27
CA CYS B 70 -8.88 -5.83 17.59
C CYS B 70 -8.18 -5.28 16.36
N ILE B 71 -8.91 -4.55 15.51
CA ILE B 71 -8.34 -4.07 14.26
C ILE B 71 -7.12 -3.21 14.53
N GLU B 72 -7.16 -2.38 15.59
CA GLU B 72 -6.01 -1.54 15.91
C GLU B 72 -4.83 -2.39 16.36
N ASP B 73 -5.11 -3.47 17.11
CA ASP B 73 -4.04 -4.37 17.54
C ASP B 73 -3.30 -4.95 16.34
N PHE B 74 -4.03 -5.26 15.27
CA PHE B 74 -3.39 -5.64 14.02
C PHE B 74 -2.48 -4.53 13.50
N ASN B 75 -3.04 -3.32 13.36
CA ASN B 75 -2.28 -2.21 12.80
C ASN B 75 -1.10 -1.84 13.70
N THR B 76 -1.29 -1.92 15.02
CA THR B 76 -0.15 -1.76 15.93
C THR B 76 0.99 -2.67 15.52
N MET B 77 0.66 -3.90 15.11
CA MET B 77 1.69 -4.86 14.71
C MET B 77 2.39 -4.41 13.44
N PHE B 78 1.63 -4.15 12.38
CA PHE B 78 2.24 -3.69 11.13
C PHE B 78 3.05 -2.43 11.35
N SER B 79 2.44 -1.39 11.93
CA SER B 79 3.13 -0.12 12.13
C SER B 79 4.36 -0.30 13.00
N ASN B 80 4.28 -1.16 14.03
CA ASN B 80 5.44 -1.43 14.86
C ASN B 80 6.62 -1.88 14.01
N CYS B 81 6.36 -2.69 12.98
CA CYS B 81 7.44 -3.17 12.14
C CYS B 81 7.97 -2.07 11.23
N TYR B 82 7.08 -1.28 10.65
CA TYR B 82 7.52 -0.20 9.75
C TYR B 82 8.43 0.79 10.46
N LEU B 83 8.19 1.03 11.75
CA LEU B 83 9.00 1.98 12.50
C LEU B 83 10.44 1.50 12.61
N TYR B 84 10.64 0.32 13.18
CA TYR B 84 12.00 -0.14 13.48
C TYR B 84 12.81 -0.37 12.21
N ASN B 85 12.16 -0.76 11.12
CA ASN B 85 12.86 -1.26 9.95
C ASN B 85 12.93 -0.24 8.83
N LYS B 86 13.79 -0.55 7.85
CA LYS B 86 13.89 0.22 6.63
C LYS B 86 12.74 -0.10 5.69
N PRO B 87 12.48 0.76 4.71
CA PRO B 87 11.69 0.33 3.54
C PRO B 87 12.60 -0.43 2.58
N GLY B 88 12.23 -1.66 2.27
CA GLY B 88 13.04 -2.54 1.44
C GLY B 88 13.69 -3.65 2.21
N ASP B 89 13.79 -3.54 3.54
CA ASP B 89 14.12 -4.70 4.35
C ASP B 89 13.10 -5.80 4.08
N ASP B 90 13.60 -7.03 3.89
CA ASP B 90 12.72 -8.13 3.52
C ASP B 90 11.56 -8.27 4.49
N ILE B 91 11.81 -8.06 5.78
CA ILE B 91 10.75 -8.18 6.77
C ILE B 91 9.61 -7.22 6.48
N VAL B 92 9.90 -6.10 5.82
CA VAL B 92 8.87 -5.09 5.56
C VAL B 92 8.07 -5.40 4.31
N LEU B 93 8.71 -5.93 3.27
CA LEU B 93 7.95 -6.42 2.12
C LEU B 93 6.98 -7.51 2.57
N MET B 94 7.40 -8.34 3.53
CA MET B 94 6.49 -9.30 4.13
C MET B 94 5.35 -8.59 4.84
N ALA B 95 5.69 -7.70 5.78
CA ALA B 95 4.66 -6.98 6.53
C ALA B 95 3.68 -6.28 5.60
N GLN B 96 4.18 -5.65 4.53
CA GLN B 96 3.30 -4.94 3.61
C GLN B 96 2.37 -5.91 2.88
N ALA B 97 2.94 -7.00 2.35
CA ALA B 97 2.12 -7.98 1.65
C ALA B 97 0.98 -8.50 2.53
N LEU B 98 1.19 -8.54 3.85
CA LEU B 98 0.13 -8.99 4.75
C LEU B 98 -0.96 -7.95 4.87
N GLU B 99 -0.58 -6.69 5.15
CA GLU B 99 -1.58 -5.64 5.31
C GLU B 99 -2.44 -5.51 4.06
N LYS B 100 -1.85 -5.73 2.88
CA LYS B 100 -2.64 -5.81 1.66
C LYS B 100 -3.73 -6.86 1.79
N LEU B 101 -3.39 -8.02 2.35
CA LEU B 101 -4.40 -9.06 2.59
C LEU B 101 -5.33 -8.64 3.73
N PHE B 102 -4.77 -8.23 4.86
CA PHE B 102 -5.58 -7.80 5.99
C PHE B 102 -6.66 -6.82 5.54
N MET B 103 -6.33 -5.92 4.62
CA MET B 103 -7.30 -4.92 4.16
C MET B 103 -8.34 -5.52 3.23
N GLN B 104 -7.97 -6.50 2.41
CA GLN B 104 -8.96 -7.18 1.58
C GLN B 104 -9.97 -7.92 2.45
N LYS B 105 -9.48 -8.80 3.32
CA LYS B 105 -10.35 -9.60 4.17
C LYS B 105 -11.15 -8.73 5.14
N LEU B 106 -10.84 -7.44 5.26
CA LEU B 106 -11.64 -6.54 6.06
C LEU B 106 -12.73 -5.84 5.26
N SER B 107 -12.50 -5.60 3.97
CA SER B 107 -13.51 -5.01 3.11
C SER B 107 -14.72 -5.92 2.92
N GLN B 108 -14.65 -7.17 3.38
CA GLN B 108 -15.80 -8.07 3.33
C GLN B 108 -16.28 -8.38 4.74
N MET B 109 -16.40 -7.35 5.59
CA MET B 109 -16.83 -7.64 6.95
C MET B 109 -18.30 -7.29 7.16
N PRO B 110 -19.04 -8.08 7.95
CA PRO B 110 -20.46 -7.78 8.17
C PRO B 110 -20.72 -6.55 9.01
N GLN B 111 -21.97 -6.41 9.46
CA GLN B 111 -22.39 -5.28 10.29
C GLN B 111 -22.91 -5.78 11.64
N ASN C 6 9.24 8.85 -27.31
CA ASN C 6 8.98 8.50 -25.93
C ASN C 6 7.49 8.40 -25.66
N GLN C 7 6.74 9.41 -26.09
CA GLN C 7 5.30 9.38 -25.97
C GLN C 7 4.71 8.41 -26.99
N LEU C 8 4.76 8.77 -28.27
CA LEU C 8 4.17 7.90 -29.30
C LEU C 8 4.75 6.50 -29.26
N GLN C 9 5.99 6.34 -28.79
CA GLN C 9 6.51 5.00 -28.53
C GLN C 9 5.65 4.30 -27.48
N TYR C 10 5.26 5.03 -26.43
CA TYR C 10 4.39 4.48 -25.42
C TYR C 10 3.01 4.16 -25.99
N LEU C 11 2.43 5.11 -26.74
CA LEU C 11 1.08 4.91 -27.25
C LEU C 11 1.00 3.65 -28.11
N GLN C 12 2.07 3.35 -28.86
CA GLN C 12 2.05 2.19 -29.74
C GLN C 12 2.38 0.91 -28.98
N LYS C 13 3.52 0.86 -28.31
CA LYS C 13 4.01 -0.36 -27.71
C LYS C 13 3.35 -0.68 -26.36
N VAL C 14 2.52 0.22 -25.82
CA VAL C 14 1.89 -0.02 -24.53
C VAL C 14 0.38 0.22 -24.64
N VAL C 15 0.00 1.47 -24.91
CA VAL C 15 -1.41 1.84 -24.83
C VAL C 15 -2.22 1.08 -25.88
N LEU C 16 -1.69 0.94 -27.08
CA LEU C 16 -2.41 0.25 -28.15
C LEU C 16 -2.35 -1.27 -27.96
N LYS C 17 -1.22 -1.78 -27.48
CA LYS C 17 -1.09 -3.21 -27.28
C LYS C 17 -1.94 -3.67 -26.09
N ASP C 18 -1.87 -2.93 -24.98
CA ASP C 18 -2.68 -3.29 -23.82
C ASP C 18 -4.17 -3.16 -24.11
N LEU C 19 -4.55 -2.33 -25.08
CA LEU C 19 -5.96 -2.23 -25.48
C LEU C 19 -6.33 -3.35 -26.43
N TRP C 20 -5.45 -3.67 -27.38
CA TRP C 20 -5.73 -4.75 -28.32
C TRP C 20 -5.89 -6.09 -27.61
N LYS C 21 -5.14 -6.31 -26.53
CA LYS C 21 -5.21 -7.56 -25.80
C LYS C 21 -6.40 -7.64 -24.87
N HIS C 22 -7.12 -6.54 -24.66
CA HIS C 22 -8.36 -6.59 -23.90
C HIS C 22 -9.39 -7.43 -24.66
N SER C 23 -10.15 -8.23 -23.91
CA SER C 23 -11.15 -9.10 -24.54
C SER C 23 -12.29 -8.31 -25.17
N PHE C 24 -12.39 -7.01 -24.92
CA PHE C 24 -13.49 -6.19 -25.40
C PHE C 24 -13.17 -5.48 -26.71
N SER C 25 -11.95 -5.59 -27.22
CA SER C 25 -11.49 -4.71 -28.28
C SER C 25 -11.96 -5.14 -29.67
N TRP C 26 -12.41 -6.38 -29.83
CA TRP C 26 -12.66 -6.88 -31.18
C TRP C 26 -13.71 -6.07 -31.94
N PRO C 27 -14.72 -5.45 -31.33
CA PRO C 27 -15.64 -4.62 -32.11
C PRO C 27 -15.08 -3.26 -32.50
N PHE C 28 -13.82 -2.97 -32.15
CA PHE C 28 -13.21 -1.67 -32.46
C PHE C 28 -11.91 -1.80 -33.23
N GLN C 29 -11.59 -2.98 -33.75
CA GLN C 29 -10.31 -3.17 -34.42
C GLN C 29 -10.38 -2.83 -35.91
N ARG C 30 -11.40 -3.33 -36.59
CA ARG C 30 -11.58 -3.08 -38.01
C ARG C 30 -12.78 -2.17 -38.23
N PRO C 31 -12.86 -1.52 -39.39
CA PRO C 31 -14.01 -0.64 -39.68
C PRO C 31 -15.36 -1.31 -39.48
N VAL C 32 -16.41 -0.52 -39.40
CA VAL C 32 -17.76 -1.04 -39.23
C VAL C 32 -18.33 -1.32 -40.62
N ASP C 33 -18.52 -2.61 -40.91
CA ASP C 33 -19.19 -3.02 -42.14
C ASP C 33 -20.67 -2.73 -41.97
N ALA C 34 -21.09 -1.52 -42.34
CA ALA C 34 -22.48 -1.14 -42.18
C ALA C 34 -23.42 -2.06 -42.95
N VAL C 35 -22.95 -2.67 -44.04
CA VAL C 35 -23.86 -3.48 -44.84
C VAL C 35 -24.24 -4.75 -44.08
N LYS C 36 -23.29 -5.37 -43.38
CA LYS C 36 -23.55 -6.68 -42.78
C LYS C 36 -23.92 -6.62 -41.30
N LEU C 37 -23.68 -5.50 -40.62
CA LEU C 37 -24.23 -5.30 -39.29
C LEU C 37 -25.62 -4.66 -39.35
N GLN C 38 -26.21 -4.60 -40.53
CA GLN C 38 -27.55 -4.07 -40.77
C GLN C 38 -27.80 -2.78 -39.99
N LEU C 39 -26.91 -1.81 -40.21
CA LEU C 39 -27.08 -0.45 -39.73
C LEU C 39 -26.49 0.47 -40.80
N PRO C 40 -27.33 1.05 -41.67
CA PRO C 40 -26.79 1.71 -42.87
C PRO C 40 -26.49 3.19 -42.66
N ASP C 41 -27.17 3.82 -41.71
CA ASP C 41 -26.99 5.25 -41.46
C ASP C 41 -25.64 5.60 -40.86
N TYR C 42 -24.81 4.61 -40.55
CA TYR C 42 -23.63 4.85 -39.72
C TYR C 42 -22.70 5.87 -40.36
N TYR C 43 -22.39 5.71 -41.64
CA TYR C 43 -21.37 6.55 -42.28
C TYR C 43 -21.91 7.87 -42.79
N THR C 44 -23.24 8.00 -42.93
CA THR C 44 -23.81 9.32 -43.16
C THR C 44 -23.63 10.20 -41.92
N ILE C 45 -23.77 9.60 -40.73
CA ILE C 45 -23.74 10.35 -39.49
C ILE C 45 -22.31 10.63 -39.03
N ILE C 46 -21.39 9.72 -39.32
CA ILE C 46 -20.04 9.76 -38.79
C ILE C 46 -19.16 10.46 -39.81
N LYS C 47 -18.80 11.71 -39.52
CA LYS C 47 -18.00 12.49 -40.47
C LYS C 47 -16.65 11.84 -40.72
N ASN C 48 -15.90 11.56 -39.65
CA ASN C 48 -14.56 10.97 -39.75
C ASN C 48 -14.46 9.77 -38.81
N PRO C 49 -14.46 8.54 -39.30
CA PRO C 49 -14.47 7.37 -38.44
C PRO C 49 -13.07 6.88 -38.11
N MET C 50 -13.01 5.95 -37.13
CA MET C 50 -11.74 5.50 -36.59
C MET C 50 -11.86 4.06 -36.09
N ASP C 51 -10.72 3.36 -36.14
CA ASP C 51 -10.61 2.01 -35.61
C ASP C 51 -9.16 1.77 -35.20
N LEU C 52 -8.94 0.72 -34.40
CA LEU C 52 -7.61 0.48 -33.83
C LEU C 52 -6.60 0.11 -34.91
N ASN C 53 -7.01 -0.69 -35.90
CA ASN C 53 -6.08 -1.08 -36.96
C ASN C 53 -5.52 0.16 -37.66
N THR C 54 -6.27 1.25 -37.70
CA THR C 54 -5.80 2.46 -38.36
C THR C 54 -4.78 3.21 -37.49
N ILE C 55 -5.03 3.32 -36.19
CA ILE C 55 -4.00 3.81 -35.28
C ILE C 55 -2.77 2.92 -35.36
N LYS C 56 -2.97 1.60 -35.29
CA LYS C 56 -1.86 0.67 -35.31
C LYS C 56 -0.95 0.91 -36.51
N LYS C 57 -1.54 1.03 -37.70
CA LYS C 57 -0.74 1.25 -38.90
C LYS C 57 -0.07 2.62 -38.87
N ARG C 58 -0.83 3.66 -38.50
CA ARG C 58 -0.26 5.00 -38.48
C ARG C 58 0.88 5.11 -37.47
N LEU C 59 0.84 4.34 -36.39
CA LEU C 59 1.90 4.42 -35.39
C LEU C 59 3.18 3.75 -35.89
N GLU C 60 3.04 2.58 -36.53
CA GLU C 60 4.20 1.91 -37.10
C GLU C 60 4.60 2.49 -38.46
N ASN C 61 3.77 3.35 -39.04
CA ASN C 61 4.08 4.02 -40.29
C ASN C 61 4.54 5.47 -40.08
N LYS C 62 4.62 5.92 -38.82
CA LYS C 62 5.08 7.27 -38.51
C LYS C 62 4.23 8.33 -39.22
N TYR C 63 2.91 8.12 -39.19
CA TYR C 63 1.99 9.13 -39.72
C TYR C 63 1.92 10.34 -38.81
N TYR C 64 1.93 10.11 -37.49
CA TYR C 64 1.83 11.19 -36.53
C TYR C 64 3.19 11.87 -36.34
N ALA C 65 3.17 13.20 -36.22
CA ALA C 65 4.36 13.97 -35.89
C ALA C 65 4.40 14.38 -34.43
N LYS C 66 3.30 14.19 -33.70
CA LYS C 66 3.20 14.60 -32.30
C LYS C 66 2.26 13.62 -31.61
N ALA C 67 2.50 13.37 -30.32
CA ALA C 67 1.73 12.34 -29.63
C ALA C 67 0.28 12.75 -29.47
N SER C 68 0.00 14.05 -29.33
CA SER C 68 -1.37 14.48 -29.08
C SER C 68 -2.29 14.12 -30.25
N GLU C 69 -1.79 14.19 -31.48
CA GLU C 69 -2.64 13.87 -32.62
C GLU C 69 -3.02 12.39 -32.67
N CYS C 70 -2.27 11.53 -31.96
CA CYS C 70 -2.67 10.13 -31.84
C CYS C 70 -3.72 9.97 -30.76
N ILE C 71 -3.50 10.59 -29.60
CA ILE C 71 -4.52 10.61 -28.55
C ILE C 71 -5.81 11.20 -29.11
N GLU C 72 -5.70 12.23 -29.96
CA GLU C 72 -6.88 12.81 -30.59
C GLU C 72 -7.61 11.78 -31.43
N ASP C 73 -6.91 10.74 -31.91
CA ASP C 73 -7.56 9.71 -32.72
C ASP C 73 -8.20 8.65 -31.84
N PHE C 74 -7.54 8.26 -30.75
CA PHE C 74 -8.16 7.34 -29.80
C PHE C 74 -9.51 7.88 -29.34
N ASN C 75 -9.54 9.16 -28.94
CA ASN C 75 -10.79 9.75 -28.46
C ASN C 75 -11.84 9.79 -29.56
N THR C 76 -11.46 10.19 -30.78
CA THR C 76 -12.39 10.15 -31.89
C THR C 76 -13.05 8.79 -32.02
N MET C 77 -12.32 7.72 -31.69
CA MET C 77 -12.86 6.37 -31.80
C MET C 77 -13.99 6.14 -30.81
N PHE C 78 -13.77 6.53 -29.54
CA PHE C 78 -14.79 6.32 -28.53
C PHE C 78 -15.95 7.31 -28.69
N SER C 79 -15.62 8.59 -28.89
CA SER C 79 -16.66 9.61 -29.08
C SER C 79 -17.67 9.14 -30.14
N ASN C 80 -17.16 8.64 -31.26
CA ASN C 80 -18.04 8.17 -32.32
C ASN C 80 -18.97 7.07 -31.81
N CYS C 81 -18.48 6.22 -30.91
CA CYS C 81 -19.30 5.15 -30.37
C CYS C 81 -20.42 5.68 -29.49
N TYR C 82 -20.12 6.65 -28.63
CA TYR C 82 -21.15 7.21 -27.77
C TYR C 82 -22.16 8.02 -28.57
N LEU C 83 -21.67 8.87 -29.49
CA LEU C 83 -22.56 9.70 -30.29
C LEU C 83 -23.59 8.85 -31.02
N TYR C 84 -23.14 7.75 -31.64
CA TYR C 84 -24.02 6.99 -32.51
C TYR C 84 -25.02 6.13 -31.74
N ASN C 85 -24.67 5.68 -30.53
CA ASN C 85 -25.49 4.75 -29.78
C ASN C 85 -26.08 5.40 -28.54
N LYS C 86 -27.26 4.94 -28.16
CA LYS C 86 -27.84 5.30 -26.88
C LYS C 86 -27.04 4.65 -25.75
N PRO C 87 -27.12 5.18 -24.53
CA PRO C 87 -26.33 4.63 -23.43
C PRO C 87 -26.94 3.34 -22.90
N GLY C 88 -26.09 2.53 -22.29
CA GLY C 88 -26.50 1.23 -21.81
C GLY C 88 -26.49 0.14 -22.85
N ASP C 89 -25.98 0.41 -24.05
CA ASP C 89 -25.88 -0.61 -25.08
C ASP C 89 -24.62 -1.45 -24.90
N ASP C 90 -24.73 -2.73 -25.26
CA ASP C 90 -23.59 -3.63 -25.09
C ASP C 90 -22.33 -3.04 -25.70
N ILE C 91 -22.44 -2.45 -26.90
CA ILE C 91 -21.27 -1.86 -27.54
C ILE C 91 -20.73 -0.70 -26.73
N VAL C 92 -21.61 0.04 -26.06
CA VAL C 92 -21.15 1.16 -25.23
C VAL C 92 -20.44 0.66 -23.99
N LEU C 93 -21.10 -0.22 -23.22
CA LEU C 93 -20.51 -0.72 -21.99
C LEU C 93 -19.16 -1.40 -22.23
N MET C 94 -18.90 -1.85 -23.46
CA MET C 94 -17.58 -2.37 -23.79
C MET C 94 -16.58 -1.23 -23.93
N ALA C 95 -16.92 -0.24 -24.75
CA ALA C 95 -16.07 0.95 -24.86
C ALA C 95 -15.77 1.53 -23.48
N GLN C 96 -16.81 1.70 -22.66
CA GLN C 96 -16.63 2.31 -21.35
C GLN C 96 -15.62 1.55 -20.51
N ALA C 97 -15.54 0.23 -20.68
CA ALA C 97 -14.50 -0.54 -20.00
C ALA C 97 -13.14 -0.32 -20.64
N LEU C 98 -13.11 -0.07 -21.95
CA LEU C 98 -11.86 0.25 -22.63
C LEU C 98 -11.43 1.68 -22.33
N GLU C 99 -12.32 2.64 -22.59
CA GLU C 99 -12.09 4.03 -22.20
C GLU C 99 -11.38 4.11 -20.85
N LYS C 100 -11.89 3.38 -19.86
CA LYS C 100 -11.27 3.36 -18.54
C LYS C 100 -9.83 2.89 -18.62
N LEU C 101 -9.59 1.76 -19.30
CA LEU C 101 -8.22 1.27 -19.43
C LEU C 101 -7.34 2.28 -20.15
N PHE C 102 -7.81 2.78 -21.30
CA PHE C 102 -7.06 3.80 -22.03
C PHE C 102 -6.66 4.95 -21.11
N MET C 103 -7.65 5.61 -20.51
CA MET C 103 -7.37 6.71 -19.61
C MET C 103 -6.38 6.32 -18.52
N GLN C 104 -6.44 5.07 -18.06
CA GLN C 104 -5.54 4.62 -17.01
C GLN C 104 -4.11 4.51 -17.52
N LYS C 105 -3.92 3.83 -18.66
CA LYS C 105 -2.60 3.76 -19.27
C LYS C 105 -2.08 5.13 -19.67
N LEU C 106 -2.96 6.13 -19.72
CA LEU C 106 -2.59 7.48 -20.14
C LEU C 106 -2.12 8.34 -18.98
N SER C 107 -2.81 8.27 -17.84
CA SER C 107 -2.33 8.94 -16.63
C SER C 107 -0.88 8.57 -16.32
N GLN C 108 -0.41 7.45 -16.84
CA GLN C 108 0.99 7.02 -16.74
C GLN C 108 1.61 7.21 -18.12
N MET C 109 2.44 8.24 -18.25
CA MET C 109 3.07 8.55 -19.53
C MET C 109 4.19 9.55 -19.30
N PRO C 110 5.42 9.25 -19.74
CA PRO C 110 6.56 10.09 -19.32
C PRO C 110 6.37 11.55 -19.67
N GLN C 111 6.99 12.41 -18.86
CA GLN C 111 7.06 13.83 -19.16
C GLN C 111 5.68 14.47 -19.21
N ASN D 6 -34.86 -10.44 8.28
CA ASN D 6 -35.04 -11.38 7.17
C ASN D 6 -33.74 -11.62 6.44
N GLN D 7 -33.44 -12.91 6.17
CA GLN D 7 -32.31 -13.25 5.33
C GLN D 7 -32.60 -13.01 3.85
N LEU D 8 -33.83 -12.58 3.51
CA LEU D 8 -34.11 -12.10 2.16
C LEU D 8 -33.62 -10.65 2.00
N GLN D 9 -34.02 -9.77 2.91
CA GLN D 9 -33.53 -8.40 2.90
C GLN D 9 -32.02 -8.36 2.73
N TYR D 10 -31.32 -9.40 3.20
CA TYR D 10 -29.89 -9.51 2.97
C TYR D 10 -29.59 -9.60 1.48
N LEU D 11 -30.13 -10.62 0.82
CA LEU D 11 -29.83 -10.83 -0.60
C LEU D 11 -30.21 -9.61 -1.44
N GLN D 12 -31.23 -8.87 -1.02
CA GLN D 12 -31.77 -7.80 -1.86
C GLN D 12 -30.90 -6.56 -1.83
N LYS D 13 -30.24 -6.27 -0.70
CA LYS D 13 -29.52 -5.02 -0.56
C LYS D 13 -28.09 -5.22 -0.04
N VAL D 14 -27.52 -6.41 -0.24
CA VAL D 14 -26.12 -6.63 0.11
C VAL D 14 -25.49 -7.56 -0.93
N VAL D 15 -26.17 -8.66 -1.25
CA VAL D 15 -25.65 -9.57 -2.27
C VAL D 15 -25.89 -9.00 -3.66
N LEU D 16 -27.14 -8.67 -3.97
CA LEU D 16 -27.46 -8.17 -5.30
C LEU D 16 -26.82 -6.81 -5.55
N LYS D 17 -26.88 -5.91 -4.56
CA LYS D 17 -26.22 -4.62 -4.71
C LYS D 17 -24.75 -4.80 -5.06
N ASP D 18 -24.07 -5.70 -4.33
CA ASP D 18 -22.62 -5.86 -4.50
C ASP D 18 -22.25 -6.58 -5.79
N LEU D 19 -23.18 -7.29 -6.41
CA LEU D 19 -22.92 -7.91 -7.70
C LEU D 19 -23.24 -6.97 -8.85
N TRP D 20 -24.26 -6.12 -8.71
CA TRP D 20 -24.59 -5.13 -9.72
C TRP D 20 -23.47 -4.11 -9.88
N LYS D 21 -22.97 -3.59 -8.76
CA LYS D 21 -21.84 -2.67 -8.81
C LYS D 21 -20.66 -3.25 -9.57
N HIS D 22 -20.47 -4.57 -9.48
CA HIS D 22 -19.37 -5.22 -10.18
C HIS D 22 -19.37 -4.85 -11.65
N SER D 23 -18.18 -4.55 -12.17
CA SER D 23 -18.05 -4.20 -13.58
C SER D 23 -18.48 -5.33 -14.50
N PHE D 24 -18.50 -6.56 -14.01
CA PHE D 24 -18.78 -7.74 -14.84
C PHE D 24 -20.25 -8.10 -14.90
N SER D 25 -21.12 -7.39 -14.17
CA SER D 25 -22.52 -7.76 -14.13
C SER D 25 -23.27 -7.41 -15.41
N TRP D 26 -22.70 -6.58 -16.28
CA TRP D 26 -23.50 -5.96 -17.33
C TRP D 26 -23.93 -6.92 -18.43
N PRO D 27 -23.23 -8.03 -18.68
CA PRO D 27 -23.79 -9.05 -19.58
C PRO D 27 -24.83 -9.94 -18.93
N PHE D 28 -25.01 -9.86 -17.61
CA PHE D 28 -25.95 -10.71 -16.89
C PHE D 28 -27.14 -9.95 -16.34
N GLN D 29 -27.37 -8.73 -16.79
CA GLN D 29 -28.43 -7.88 -16.22
C GLN D 29 -29.74 -8.07 -16.99
N ARG D 30 -29.82 -7.54 -18.19
CA ARG D 30 -31.03 -7.67 -18.99
C ARG D 30 -31.00 -8.98 -19.76
N PRO D 31 -32.16 -9.48 -20.20
CA PRO D 31 -32.19 -10.77 -20.90
C PRO D 31 -31.21 -10.84 -22.07
N VAL D 32 -30.94 -12.06 -22.53
CA VAL D 32 -29.90 -12.30 -23.53
C VAL D 32 -30.53 -12.18 -24.92
N ASP D 33 -30.02 -11.24 -25.71
CA ASP D 33 -30.43 -11.12 -27.11
C ASP D 33 -29.64 -12.14 -27.92
N ALA D 34 -30.25 -13.29 -28.17
CA ALA D 34 -29.55 -14.40 -28.82
C ALA D 34 -29.38 -14.20 -30.32
N VAL D 35 -29.98 -13.16 -30.91
CA VAL D 35 -29.81 -12.88 -32.32
C VAL D 35 -28.67 -11.91 -32.57
N LYS D 36 -28.57 -10.86 -31.75
CA LYS D 36 -27.51 -9.87 -31.93
C LYS D 36 -26.15 -10.50 -31.69
N LEU D 37 -25.99 -11.20 -30.57
CA LEU D 37 -24.74 -11.87 -30.27
C LEU D 37 -24.50 -13.11 -31.13
N GLN D 38 -25.44 -13.48 -31.99
CA GLN D 38 -25.32 -14.66 -32.85
C GLN D 38 -25.06 -15.91 -32.01
N LEU D 39 -26.07 -16.29 -31.24
CA LEU D 39 -26.01 -17.44 -30.34
C LEU D 39 -27.07 -18.45 -30.75
N PRO D 40 -26.70 -19.53 -31.45
CA PRO D 40 -27.71 -20.47 -31.93
C PRO D 40 -28.33 -21.30 -30.82
N ASP D 41 -29.63 -21.53 -30.94
CA ASP D 41 -30.39 -22.41 -30.05
C ASP D 41 -30.19 -22.07 -28.58
N TYR D 42 -29.80 -20.84 -28.27
CA TYR D 42 -29.59 -20.45 -26.88
C TYR D 42 -30.83 -20.74 -26.05
N TYR D 43 -31.98 -20.19 -26.46
CA TYR D 43 -33.21 -20.32 -25.69
C TYR D 43 -33.86 -21.68 -25.84
N THR D 44 -33.24 -22.61 -26.59
CA THR D 44 -33.62 -24.01 -26.52
C THR D 44 -32.76 -24.73 -25.47
N ILE D 45 -31.44 -24.70 -25.65
CA ILE D 45 -30.54 -25.28 -24.65
C ILE D 45 -30.85 -24.71 -23.27
N ILE D 46 -31.03 -23.38 -23.20
CA ILE D 46 -31.30 -22.71 -21.94
C ILE D 46 -32.80 -22.78 -21.71
N LYS D 47 -33.24 -23.88 -21.07
CA LYS D 47 -34.66 -24.07 -20.84
C LYS D 47 -35.24 -23.02 -19.91
N ASN D 48 -34.44 -22.53 -18.96
CA ASN D 48 -34.88 -21.52 -18.00
C ASN D 48 -33.89 -20.37 -17.97
N PRO D 49 -34.05 -19.38 -18.84
CA PRO D 49 -33.15 -18.22 -18.80
C PRO D 49 -33.29 -17.48 -17.48
N MET D 50 -32.18 -16.88 -17.05
CA MET D 50 -32.17 -16.16 -15.78
C MET D 50 -31.10 -15.09 -15.84
N ASP D 51 -31.49 -13.84 -15.58
CA ASP D 51 -30.56 -12.72 -15.51
C ASP D 51 -30.69 -12.06 -14.15
N LEU D 52 -30.24 -10.81 -14.01
CA LEU D 52 -30.32 -10.12 -12.73
C LEU D 52 -31.52 -9.19 -12.63
N ASN D 53 -31.88 -8.50 -13.71
CA ASN D 53 -33.04 -7.61 -13.69
C ASN D 53 -34.28 -8.35 -13.17
N THR D 54 -34.38 -9.65 -13.46
CA THR D 54 -35.53 -10.43 -13.00
C THR D 54 -35.33 -11.00 -11.60
N ILE D 55 -34.09 -11.12 -11.11
CA ILE D 55 -33.89 -11.43 -9.70
C ILE D 55 -34.16 -10.19 -8.86
N LYS D 56 -33.64 -9.04 -9.28
CA LYS D 56 -33.85 -7.78 -8.59
C LYS D 56 -35.34 -7.59 -8.29
N LYS D 57 -36.14 -7.43 -9.34
CA LYS D 57 -37.58 -7.21 -9.16
C LYS D 57 -38.34 -8.50 -8.93
N ARG D 58 -37.65 -9.58 -8.54
CA ARG D 58 -38.28 -10.72 -7.89
C ARG D 58 -38.29 -10.51 -6.38
N LEU D 59 -37.18 -10.02 -5.83
CA LEU D 59 -37.13 -9.60 -4.44
C LEU D 59 -37.97 -8.37 -4.18
N GLU D 60 -38.25 -7.57 -5.21
CA GLU D 60 -39.10 -6.39 -5.03
C GLU D 60 -40.58 -6.76 -5.00
N ASN D 61 -40.96 -7.89 -5.61
CA ASN D 61 -42.33 -8.36 -5.62
C ASN D 61 -42.56 -9.49 -4.62
N LYS D 62 -41.59 -9.77 -3.76
CA LYS D 62 -41.72 -10.75 -2.69
C LYS D 62 -42.33 -12.05 -3.19
N TYR D 63 -41.88 -12.48 -4.37
CA TYR D 63 -42.25 -13.76 -4.95
C TYR D 63 -41.45 -14.91 -4.34
N TYR D 64 -40.54 -14.61 -3.41
CA TYR D 64 -39.77 -15.62 -2.69
C TYR D 64 -40.38 -15.85 -1.32
N ALA D 65 -40.66 -17.11 -0.99
CA ALA D 65 -41.14 -17.44 0.35
C ALA D 65 -39.97 -17.59 1.32
N LYS D 66 -39.13 -18.58 1.10
CA LYS D 66 -37.89 -18.75 1.85
C LYS D 66 -36.72 -18.17 1.07
N ALA D 67 -35.65 -17.86 1.79
CA ALA D 67 -34.47 -17.32 1.13
C ALA D 67 -33.73 -18.38 0.32
N SER D 68 -33.96 -19.67 0.61
CA SER D 68 -33.21 -20.71 -0.06
C SER D 68 -33.49 -20.77 -1.55
N GLU D 69 -34.68 -20.33 -1.97
CA GLU D 69 -35.07 -20.43 -3.37
C GLU D 69 -34.68 -19.21 -4.19
N CYS D 70 -34.25 -18.13 -3.56
CA CYS D 70 -33.64 -17.04 -4.32
C CYS D 70 -32.24 -17.40 -4.77
N ILE D 71 -31.50 -18.16 -3.95
CA ILE D 71 -30.15 -18.58 -4.33
C ILE D 71 -30.21 -19.52 -5.52
N GLU D 72 -31.21 -20.40 -5.57
CA GLU D 72 -31.38 -21.25 -6.74
C GLU D 72 -31.44 -20.42 -8.01
N ASP D 73 -32.03 -19.24 -7.93
CA ASP D 73 -32.10 -18.36 -9.10
C ASP D 73 -30.73 -17.79 -9.44
N PHE D 74 -29.95 -17.41 -8.43
CA PHE D 74 -28.59 -16.94 -8.69
C PHE D 74 -27.74 -18.02 -9.34
N ASN D 75 -27.87 -19.27 -8.86
CA ASN D 75 -27.05 -20.35 -9.39
C ASN D 75 -27.46 -20.70 -10.81
N THR D 76 -28.76 -20.63 -11.12
CA THR D 76 -29.21 -20.91 -12.48
C THR D 76 -28.55 -19.97 -13.48
N MET D 77 -28.64 -18.67 -13.24
CA MET D 77 -28.05 -17.69 -14.15
C MET D 77 -26.58 -17.99 -14.41
N PHE D 78 -25.87 -18.50 -13.39
CA PHE D 78 -24.48 -18.88 -13.59
C PHE D 78 -24.38 -20.19 -14.38
N SER D 79 -24.98 -21.26 -13.85
CA SER D 79 -24.84 -22.56 -14.49
C SER D 79 -25.40 -22.57 -15.90
N ASN D 80 -26.42 -21.75 -16.18
CA ASN D 80 -26.93 -21.63 -17.54
C ASN D 80 -25.83 -21.12 -18.47
N CYS D 81 -24.97 -20.22 -17.97
CA CYS D 81 -23.94 -19.64 -18.82
C CYS D 81 -22.82 -20.65 -19.08
N TYR D 82 -22.49 -21.47 -18.09
CA TYR D 82 -21.43 -22.46 -18.27
C TYR D 82 -21.89 -23.58 -19.23
N LEU D 83 -23.14 -24.01 -19.09
CA LEU D 83 -23.67 -25.06 -19.95
C LEU D 83 -23.51 -24.69 -21.43
N TYR D 84 -24.12 -23.57 -21.83
CA TYR D 84 -24.23 -23.24 -23.24
C TYR D 84 -22.89 -22.93 -23.89
N ASN D 85 -21.86 -22.61 -23.12
CA ASN D 85 -20.70 -21.93 -23.66
C ASN D 85 -19.43 -22.77 -23.53
N LYS D 86 -18.46 -22.44 -24.39
CA LYS D 86 -17.11 -22.95 -24.25
C LYS D 86 -16.55 -22.55 -22.88
N PRO D 87 -15.71 -23.39 -22.28
CA PRO D 87 -15.09 -22.99 -21.00
C PRO D 87 -14.13 -21.82 -21.13
N GLY D 88 -13.49 -21.66 -22.29
CA GLY D 88 -12.52 -20.58 -22.46
C GLY D 88 -13.10 -19.24 -22.87
N ASP D 89 -14.38 -19.22 -23.24
CA ASP D 89 -15.02 -17.96 -23.61
C ASP D 89 -14.86 -16.93 -22.50
N ASP D 90 -14.60 -15.68 -22.89
CA ASP D 90 -14.39 -14.63 -21.90
C ASP D 90 -15.63 -14.35 -21.08
N ILE D 91 -16.81 -14.85 -21.49
CA ILE D 91 -18.01 -14.68 -20.68
C ILE D 91 -18.01 -15.65 -19.51
N VAL D 92 -17.63 -16.90 -19.75
CA VAL D 92 -17.53 -17.87 -18.67
C VAL D 92 -16.55 -17.38 -17.61
N LEU D 93 -15.40 -16.86 -18.05
CA LEU D 93 -14.45 -16.29 -17.10
C LEU D 93 -15.07 -15.18 -16.28
N MET D 94 -16.11 -14.52 -16.83
CA MET D 94 -16.78 -13.45 -16.09
C MET D 94 -17.76 -14.01 -15.06
N ALA D 95 -18.57 -14.99 -15.47
CA ALA D 95 -19.52 -15.59 -14.53
C ALA D 95 -18.81 -16.24 -13.35
N GLN D 96 -17.60 -16.76 -13.57
CA GLN D 96 -16.89 -17.41 -12.47
C GLN D 96 -16.37 -16.39 -11.46
N ALA D 97 -16.02 -15.19 -11.92
CA ALA D 97 -15.62 -14.14 -10.99
C ALA D 97 -16.80 -13.68 -10.14
N LEU D 98 -17.98 -13.54 -10.75
CA LEU D 98 -19.16 -13.17 -9.99
C LEU D 98 -19.53 -14.25 -8.97
N GLU D 99 -19.44 -15.52 -9.37
CA GLU D 99 -19.78 -16.60 -8.45
C GLU D 99 -18.82 -16.65 -7.28
N LYS D 100 -17.51 -16.54 -7.54
CA LYS D 100 -16.55 -16.48 -6.45
C LYS D 100 -16.92 -15.38 -5.45
N LEU D 101 -17.50 -14.28 -5.94
CA LEU D 101 -17.98 -13.22 -5.06
C LEU D 101 -19.30 -13.60 -4.42
N PHE D 102 -20.33 -13.82 -5.24
CA PHE D 102 -21.64 -14.20 -4.74
C PHE D 102 -21.54 -15.27 -3.66
N MET D 103 -20.71 -16.29 -3.89
CA MET D 103 -20.46 -17.28 -2.85
C MET D 103 -19.84 -16.63 -1.61
N GLN D 104 -18.82 -15.79 -1.82
CA GLN D 104 -18.17 -15.12 -0.70
C GLN D 104 -19.18 -14.34 0.12
N LYS D 105 -20.01 -13.53 -0.53
CA LYS D 105 -20.99 -12.72 0.20
C LYS D 105 -21.97 -13.61 0.96
N LEU D 106 -22.34 -14.74 0.38
CA LEU D 106 -23.33 -15.62 1.01
C LEU D 106 -22.80 -16.23 2.30
N SER D 107 -21.48 -16.36 2.43
CA SER D 107 -20.89 -16.91 3.65
C SER D 107 -21.00 -15.96 4.85
N GLN D 108 -21.68 -14.82 4.69
CA GLN D 108 -21.94 -13.90 5.79
C GLN D 108 -23.42 -13.60 5.88
N MET D 109 -24.25 -14.64 5.93
CA MET D 109 -25.69 -14.49 5.97
C MET D 109 -26.26 -15.09 7.25
N PRO D 110 -27.27 -14.44 7.86
CA PRO D 110 -27.94 -14.94 9.06
C PRO D 110 -28.16 -16.45 9.07
N SER E 4 23.01 44.10 35.35
CA SER E 4 23.34 44.71 34.06
C SER E 4 24.20 43.77 33.23
N THR E 5 25.04 42.98 33.90
CA THR E 5 25.91 42.02 33.24
C THR E 5 25.86 40.62 33.85
N ASN E 6 25.14 40.44 34.96
CA ASN E 6 24.83 39.08 35.43
C ASN E 6 24.02 38.32 34.39
N GLN E 7 23.43 39.04 33.43
CA GLN E 7 22.58 38.42 32.41
C GLN E 7 23.37 37.90 31.22
N LEU E 8 24.46 38.58 30.84
CA LEU E 8 25.26 38.09 29.73
C LEU E 8 25.78 36.69 30.00
N GLN E 9 25.96 36.33 31.27
CA GLN E 9 26.28 34.95 31.60
C GLN E 9 25.09 34.03 31.33
N TYR E 10 23.89 34.48 31.71
CA TYR E 10 22.69 33.71 31.42
C TYR E 10 22.49 33.53 29.92
N LEU E 11 22.82 34.56 29.14
CA LEU E 11 22.56 34.51 27.71
C LEU E 11 23.51 33.55 26.99
N GLN E 12 24.71 33.34 27.52
CA GLN E 12 25.66 32.45 26.87
C GLN E 12 25.44 30.99 27.27
N LYS E 13 25.37 30.72 28.57
CA LYS E 13 25.44 29.36 29.07
C LYS E 13 24.08 28.71 29.26
N VAL E 14 23.00 29.46 29.35
CA VAL E 14 21.65 28.92 29.36
C VAL E 14 20.97 29.14 28.05
N VAL E 15 20.74 30.40 27.67
CA VAL E 15 19.87 30.73 26.57
C VAL E 15 20.39 30.11 25.29
N LEU E 16 21.68 30.30 24.99
CA LEU E 16 22.23 29.74 23.76
C LEU E 16 22.30 28.23 23.83
N LYS E 17 22.76 27.69 24.96
CA LYS E 17 22.80 26.23 25.11
C LYS E 17 21.42 25.62 24.90
N ASP E 18 20.42 26.11 25.63
CA ASP E 18 19.08 25.56 25.50
C ASP E 18 18.53 25.74 24.09
N LEU E 19 18.98 26.78 23.38
CA LEU E 19 18.44 27.09 22.06
C LEU E 19 19.14 26.31 20.95
N TRP E 20 20.44 26.07 21.08
CA TRP E 20 21.15 25.25 20.11
C TRP E 20 20.76 23.78 20.24
N LYS E 21 20.56 23.32 21.49
CA LYS E 21 20.15 21.93 21.71
C LYS E 21 18.88 21.60 20.92
N HIS E 22 17.94 22.54 20.88
CA HIS E 22 16.66 22.29 20.25
C HIS E 22 16.86 21.81 18.81
N SER E 23 16.24 20.68 18.48
CA SER E 23 16.43 20.06 17.18
C SER E 23 16.16 21.03 16.04
N PHE E 24 15.20 21.93 16.21
CA PHE E 24 14.77 22.85 15.17
C PHE E 24 15.80 23.97 14.86
N SER E 25 17.04 23.95 15.36
CA SER E 25 17.88 25.14 15.34
C SER E 25 18.94 25.15 14.24
N TRP E 26 19.13 24.05 13.52
CA TRP E 26 20.25 24.00 12.58
C TRP E 26 20.10 24.97 11.41
N PRO E 27 18.89 25.31 10.95
CA PRO E 27 18.81 26.30 9.85
C PRO E 27 19.24 27.69 10.29
N PHE E 28 19.28 27.97 11.59
CA PHE E 28 19.72 29.25 12.12
C PHE E 28 21.09 29.16 12.78
N GLN E 29 21.88 28.14 12.44
CA GLN E 29 23.20 27.96 13.04
C GLN E 29 24.25 28.72 12.25
N ARG E 30 24.59 28.23 11.07
CA ARG E 30 25.53 28.92 10.21
C ARG E 30 24.79 29.91 9.31
N PRO E 31 25.50 30.91 8.78
CA PRO E 31 24.85 31.87 7.89
C PRO E 31 24.40 31.20 6.61
N VAL E 32 23.20 31.59 6.14
CA VAL E 32 22.61 30.92 5.00
C VAL E 32 23.49 31.12 3.77
N ASP E 33 23.59 30.07 2.94
CA ASP E 33 24.41 30.11 1.72
C ASP E 33 23.49 30.52 0.57
N ALA E 34 23.42 31.83 0.32
CA ALA E 34 22.51 32.35 -0.69
C ALA E 34 22.61 31.59 -2.01
N VAL E 35 23.79 31.06 -2.34
CA VAL E 35 23.98 30.46 -3.64
C VAL E 35 23.53 29.00 -3.67
N LYS E 36 23.58 28.31 -2.52
CA LYS E 36 23.29 26.88 -2.47
C LYS E 36 21.79 26.59 -2.44
N LEU E 37 20.97 27.55 -2.01
CA LEU E 37 19.55 27.33 -1.82
C LEU E 37 18.69 27.96 -2.90
N GLN E 38 19.30 28.50 -3.95
CA GLN E 38 18.59 29.28 -4.97
C GLN E 38 17.84 30.44 -4.33
N LEU E 39 18.56 31.21 -3.51
CA LEU E 39 18.04 32.43 -2.88
C LEU E 39 18.97 33.60 -3.20
N PRO E 40 19.09 33.99 -4.47
CA PRO E 40 20.01 35.08 -4.82
C PRO E 40 19.50 36.47 -4.44
N ASP E 41 18.67 36.57 -3.40
CA ASP E 41 18.23 37.87 -2.91
C ASP E 41 18.17 37.96 -1.39
N TYR E 42 18.55 36.91 -0.66
CA TYR E 42 18.49 36.98 0.79
C TYR E 42 19.34 38.13 1.32
N TYR E 43 20.52 38.35 0.74
CA TYR E 43 21.47 39.30 1.29
C TYR E 43 21.31 40.71 0.74
N THR E 44 20.57 40.88 -0.36
CA THR E 44 20.19 42.19 -0.84
C THR E 44 18.88 42.67 -0.25
N ILE E 45 18.11 41.77 0.38
CA ILE E 45 16.88 42.16 1.06
C ILE E 45 17.16 42.26 2.56
N ILE E 46 17.49 41.14 3.19
CA ILE E 46 17.84 41.12 4.61
C ILE E 46 19.14 41.90 4.77
N LYS E 47 19.03 43.18 5.14
CA LYS E 47 20.20 44.05 5.12
C LYS E 47 21.25 43.58 6.11
N ASN E 48 20.85 43.34 7.37
CA ASN E 48 21.78 42.93 8.42
C ASN E 48 21.43 41.51 8.87
N PRO E 49 21.97 40.49 8.22
CA PRO E 49 21.66 39.11 8.61
C PRO E 49 22.22 38.77 9.98
N MET E 50 21.74 37.66 10.53
CA MET E 50 22.15 37.20 11.85
C MET E 50 22.01 35.70 11.95
N ASP E 51 22.83 35.09 12.80
CA ASP E 51 22.82 33.65 12.99
C ASP E 51 23.21 33.33 14.42
N LEU E 52 22.99 32.08 14.82
CA LEU E 52 23.29 31.67 16.18
C LEU E 52 24.78 31.44 16.42
N ASN E 53 25.55 31.16 15.37
CA ASN E 53 26.99 31.06 15.53
C ASN E 53 27.64 32.43 15.66
N THR E 54 27.04 33.45 15.04
CA THR E 54 27.52 34.81 15.23
C THR E 54 27.30 35.26 16.67
N ILE E 55 26.06 35.16 17.16
CA ILE E 55 25.77 35.49 18.55
C ILE E 55 26.72 34.76 19.48
N LYS E 56 26.88 33.45 19.27
CA LYS E 56 27.82 32.67 20.06
C LYS E 56 29.20 33.31 20.06
N LYS E 57 29.67 33.73 18.89
CA LYS E 57 31.02 34.26 18.78
C LYS E 57 31.16 35.66 19.37
N ARG E 58 30.07 36.43 19.44
CA ARG E 58 30.14 37.74 20.08
C ARG E 58 30.06 37.60 21.59
N LEU E 59 29.11 36.81 22.09
CA LEU E 59 29.06 36.50 23.51
C LEU E 59 30.40 35.93 23.98
N GLU E 60 31.00 35.06 23.16
CA GLU E 60 32.27 34.43 23.49
C GLU E 60 33.45 35.37 23.28
N ASN E 61 33.29 36.40 22.44
CA ASN E 61 34.24 37.48 22.39
C ASN E 61 33.95 38.57 23.42
N LYS E 62 32.81 38.49 24.11
CA LYS E 62 32.33 39.59 24.94
C LYS E 62 32.31 40.89 24.13
N TYR E 63 31.65 40.83 22.97
CA TYR E 63 31.40 41.99 22.15
C TYR E 63 30.16 42.75 22.59
N TYR E 64 29.41 42.20 23.55
CA TYR E 64 28.16 42.77 24.00
C TYR E 64 28.39 43.64 25.24
N ALA E 65 27.88 44.87 25.19
CA ALA E 65 28.08 45.84 26.25
C ALA E 65 26.96 45.80 27.29
N LYS E 66 25.72 45.61 26.85
CA LYS E 66 24.56 45.57 27.71
C LYS E 66 23.72 44.38 27.29
N ALA E 67 23.21 43.62 28.28
CA ALA E 67 22.47 42.41 27.99
C ALA E 67 21.35 42.64 26.98
N SER E 68 20.89 43.88 26.83
CA SER E 68 19.82 44.18 25.89
C SER E 68 20.31 44.23 24.44
N GLU E 69 21.57 44.61 24.22
CA GLU E 69 22.09 44.63 22.86
C GLU E 69 22.10 43.22 22.27
N CYS E 70 22.38 42.21 23.09
CA CYS E 70 22.38 40.83 22.62
C CYS E 70 20.96 40.33 22.38
N ILE E 71 20.04 40.63 23.30
CA ILE E 71 18.63 40.31 23.11
C ILE E 71 18.17 40.76 21.73
N GLU E 72 18.62 41.96 21.32
CA GLU E 72 18.29 42.50 20.02
C GLU E 72 18.67 41.54 18.90
N ASP E 73 19.86 40.93 19.01
CA ASP E 73 20.34 40.08 17.94
C ASP E 73 19.47 38.84 17.78
N PHE E 74 18.96 38.31 18.90
CA PHE E 74 18.06 37.17 18.81
C PHE E 74 16.76 37.54 18.09
N ASN E 75 16.23 38.73 18.36
CA ASN E 75 15.03 39.18 17.67
C ASN E 75 15.28 39.36 16.18
N THR E 76 16.40 40.01 15.84
CA THR E 76 16.76 40.18 14.45
C THR E 76 16.72 38.84 13.71
N MET E 77 17.32 37.81 14.32
CA MET E 77 17.32 36.49 13.70
C MET E 77 15.91 36.03 13.38
N PHE E 78 14.95 36.32 14.26
CA PHE E 78 13.56 35.94 14.01
C PHE E 78 12.86 36.96 13.13
N SER E 79 13.20 38.23 13.26
CA SER E 79 12.66 39.24 12.34
C SER E 79 13.04 38.91 10.91
N ASN E 80 14.34 38.70 10.65
CA ASN E 80 14.78 38.43 9.29
C ASN E 80 14.08 37.21 8.71
N CYS E 81 13.90 36.16 9.54
CA CYS E 81 13.22 34.97 9.07
C CYS E 81 11.78 35.30 8.67
N TYR E 82 11.07 36.05 9.52
CA TYR E 82 9.67 36.35 9.23
C TYR E 82 9.53 37.28 8.02
N LEU E 83 10.44 38.24 7.88
CA LEU E 83 10.31 39.22 6.80
C LEU E 83 10.57 38.58 5.44
N TYR E 84 11.77 38.01 5.25
CA TYR E 84 12.10 37.43 3.95
C TYR E 84 11.11 36.34 3.56
N ASN E 85 10.71 35.51 4.52
CA ASN E 85 9.83 34.39 4.23
C ASN E 85 8.38 34.79 4.42
N LYS E 86 7.50 33.92 3.95
CA LYS E 86 6.06 34.11 4.01
C LYS E 86 5.47 33.31 5.17
N PRO E 87 4.23 33.60 5.54
CA PRO E 87 3.61 32.87 6.67
C PRO E 87 3.25 31.45 6.29
N GLY E 88 3.29 30.56 7.29
CA GLY E 88 3.07 29.15 7.09
C GLY E 88 4.22 28.40 6.44
N ASP E 89 5.17 29.11 5.84
CA ASP E 89 6.37 28.47 5.31
C ASP E 89 7.01 27.61 6.38
N ASP E 90 7.56 26.46 5.96
CA ASP E 90 8.18 25.54 6.91
C ASP E 90 9.16 26.26 7.83
N ILE E 91 10.09 27.03 7.26
CA ILE E 91 11.14 27.65 8.06
C ILE E 91 10.56 28.61 9.09
N VAL E 92 9.38 29.18 8.81
CA VAL E 92 8.78 30.11 9.77
C VAL E 92 8.27 29.36 11.00
N LEU E 93 7.55 28.26 10.79
CA LEU E 93 7.01 27.51 11.92
C LEU E 93 8.11 26.91 12.78
N MET E 94 9.28 26.60 12.19
CA MET E 94 10.43 26.23 12.99
C MET E 94 10.87 27.39 13.88
N ALA E 95 10.92 28.60 13.32
CA ALA E 95 11.30 29.77 14.10
C ALA E 95 10.28 30.05 15.18
N GLN E 96 8.98 30.02 14.84
CA GLN E 96 7.94 30.28 15.82
C GLN E 96 8.13 29.40 17.06
N ALA E 97 8.38 28.11 16.85
CA ALA E 97 8.68 27.23 17.97
C ALA E 97 9.96 27.66 18.67
N LEU E 98 11.05 27.80 17.91
CA LEU E 98 12.32 28.24 18.47
C LEU E 98 12.17 29.56 19.23
N GLU E 99 11.22 30.41 18.81
CA GLU E 99 11.01 31.68 19.49
C GLU E 99 10.31 31.48 20.83
N LYS E 100 9.44 30.48 20.94
CA LYS E 100 8.78 30.21 22.21
C LYS E 100 9.79 29.80 23.27
N LEU E 101 10.71 28.90 22.90
CA LEU E 101 11.80 28.55 23.80
C LEU E 101 12.57 29.79 24.21
N PHE E 102 12.92 30.64 23.24
CA PHE E 102 13.68 31.85 23.54
C PHE E 102 12.97 32.74 24.55
N MET E 103 11.62 32.72 24.55
CA MET E 103 10.88 33.53 25.51
C MET E 103 10.86 32.88 26.90
N GLN E 104 10.48 31.61 26.98
CA GLN E 104 10.39 30.97 28.29
C GLN E 104 11.73 30.96 29.00
N LYS E 105 12.84 31.03 28.24
CA LYS E 105 14.15 31.17 28.87
C LYS E 105 14.38 32.61 29.34
N LEU E 106 13.77 33.60 28.68
CA LEU E 106 13.98 34.99 29.07
C LEU E 106 13.33 35.30 30.41
N SER E 107 12.00 35.08 30.51
CA SER E 107 11.31 35.35 31.76
C SER E 107 12.03 34.74 32.96
N GLN E 108 12.82 33.70 32.73
CA GLN E 108 13.63 33.05 33.76
C GLN E 108 14.93 33.83 34.06
N MET E 109 15.05 35.10 33.68
CA MET E 109 16.32 35.85 33.67
C MET E 109 16.50 36.67 34.94
N PRO E 110 17.75 36.79 35.45
CA PRO E 110 17.96 37.55 36.67
C PRO E 110 17.39 38.96 36.67
N GLN E 111 17.35 39.54 37.86
CA GLN E 111 16.87 40.90 38.08
C GLN E 111 15.41 41.04 37.66
N SER F 4 -23.00 6.16 14.76
CA SER F 4 -23.88 7.10 14.06
C SER F 4 -23.09 8.28 13.50
N THR F 5 -23.77 9.41 13.35
CA THR F 5 -23.10 10.67 13.07
C THR F 5 -22.35 11.20 14.28
N ASN F 6 -22.55 10.61 15.45
CA ASN F 6 -22.02 11.17 16.69
C ASN F 6 -20.50 11.03 16.76
N GLN F 7 -19.99 9.83 16.48
CA GLN F 7 -18.54 9.64 16.50
C GLN F 7 -17.84 10.45 15.42
N LEU F 8 -18.57 10.87 14.39
CA LEU F 8 -17.96 11.66 13.33
C LEU F 8 -17.86 13.14 13.72
N GLN F 9 -18.95 13.72 14.21
CA GLN F 9 -18.86 15.07 14.76
C GLN F 9 -17.93 15.11 15.97
N TYR F 10 -17.71 13.97 16.63
CA TYR F 10 -16.68 13.91 17.67
C TYR F 10 -15.29 13.94 17.05
N LEU F 11 -15.05 13.09 16.05
CA LEU F 11 -13.75 13.08 15.38
C LEU F 11 -13.42 14.45 14.83
N GLN F 12 -14.43 15.21 14.39
CA GLN F 12 -14.21 16.54 13.85
C GLN F 12 -14.00 17.55 14.97
N LYS F 13 -14.97 17.63 15.90
CA LYS F 13 -14.97 18.71 16.87
C LYS F 13 -13.86 18.54 17.91
N VAL F 14 -13.72 17.34 18.46
CA VAL F 14 -12.75 17.12 19.54
C VAL F 14 -11.45 16.56 18.98
N VAL F 15 -11.49 15.34 18.46
CA VAL F 15 -10.27 14.64 18.07
C VAL F 15 -9.42 15.50 17.15
N LEU F 16 -9.97 15.86 15.99
CA LEU F 16 -9.17 16.54 14.97
C LEU F 16 -8.72 17.92 15.45
N LYS F 17 -9.64 18.71 16.01
CA LYS F 17 -9.30 20.07 16.39
C LYS F 17 -8.33 20.12 17.56
N ASP F 18 -8.28 19.07 18.40
CA ASP F 18 -7.28 19.02 19.46
C ASP F 18 -5.93 18.56 18.93
N LEU F 19 -5.92 17.75 17.87
CA LEU F 19 -4.67 17.41 17.21
C LEU F 19 -4.13 18.60 16.43
N TRP F 20 -5.02 19.34 15.77
CA TRP F 20 -4.61 20.49 14.97
C TRP F 20 -3.92 21.55 15.84
N LYS F 21 -4.56 21.91 16.96
CA LYS F 21 -3.98 22.93 17.83
C LYS F 21 -2.58 22.57 18.30
N HIS F 22 -2.23 21.28 18.29
CA HIS F 22 -0.97 20.83 18.84
C HIS F 22 0.20 21.46 18.10
N SER F 23 1.26 21.79 18.86
CA SER F 23 2.42 22.47 18.31
C SER F 23 3.32 21.56 17.47
N PHE F 24 3.02 20.26 17.43
CA PHE F 24 3.79 19.30 16.64
C PHE F 24 3.07 18.89 15.36
N SER F 25 1.89 19.45 15.09
CA SER F 25 1.08 18.97 13.98
C SER F 25 1.48 19.56 12.63
N TRP F 26 2.15 20.72 12.62
CA TRP F 26 2.32 21.44 11.35
C TRP F 26 3.07 20.65 10.28
N PRO F 27 3.98 19.71 10.60
CA PRO F 27 4.54 18.89 9.52
C PRO F 27 3.51 17.99 8.86
N PHE F 28 2.41 17.69 9.53
CA PHE F 28 1.45 16.70 9.08
C PHE F 28 0.15 17.31 8.56
N GLN F 29 0.11 18.63 8.34
CA GLN F 29 -1.14 19.30 8.02
C GLN F 29 -1.41 19.34 6.52
N ARG F 30 -0.48 19.91 5.75
CA ARG F 30 -0.56 19.89 4.30
C ARG F 30 0.58 19.06 3.74
N PRO F 31 0.51 18.67 2.45
CA PRO F 31 1.41 17.61 1.96
C PRO F 31 2.90 17.93 2.09
N VAL F 32 3.73 16.95 1.73
CA VAL F 32 5.17 17.01 1.94
C VAL F 32 5.85 17.24 0.60
N ASP F 33 6.61 18.34 0.50
CA ASP F 33 7.34 18.67 -0.72
C ASP F 33 8.68 17.95 -0.67
N ALA F 34 8.73 16.77 -1.29
CA ALA F 34 9.91 15.92 -1.19
C ALA F 34 11.08 16.43 -2.02
N VAL F 35 10.90 17.49 -2.81
CA VAL F 35 12.05 18.11 -3.45
C VAL F 35 12.72 19.09 -2.48
N LYS F 36 11.93 19.95 -1.83
CA LYS F 36 12.46 20.90 -0.87
C LYS F 36 13.21 20.17 0.24
N LEU F 37 12.49 19.43 1.07
CA LEU F 37 13.15 18.44 1.93
C LEU F 37 13.77 17.37 1.04
N GLN F 38 15.05 17.14 1.17
CA GLN F 38 15.72 16.14 0.33
C GLN F 38 15.26 14.75 0.81
N LEU F 39 14.10 14.32 0.26
CA LEU F 39 13.47 13.05 0.62
C LEU F 39 13.42 12.17 -0.61
N PRO F 40 14.42 11.32 -0.84
CA PRO F 40 14.41 10.49 -2.06
C PRO F 40 13.37 9.39 -1.96
N ASP F 41 12.77 9.08 -3.11
CA ASP F 41 11.83 7.96 -3.26
C ASP F 41 10.62 8.07 -2.34
N TYR F 42 10.36 9.25 -1.77
CA TYR F 42 9.28 9.37 -0.81
C TYR F 42 7.97 8.83 -1.37
N TYR F 43 7.61 9.24 -2.57
CA TYR F 43 6.34 8.83 -3.17
C TYR F 43 6.43 7.54 -3.95
N THR F 44 7.65 7.02 -4.16
CA THR F 44 7.78 5.62 -4.54
C THR F 44 7.41 4.71 -3.37
N ILE F 45 7.75 5.14 -2.15
CA ILE F 45 7.51 4.35 -0.95
C ILE F 45 6.11 4.57 -0.40
N ILE F 46 5.66 5.81 -0.34
CA ILE F 46 4.35 6.14 0.22
C ILE F 46 3.37 6.10 -0.94
N LYS F 47 2.79 4.92 -1.18
CA LYS F 47 1.86 4.75 -2.29
C LYS F 47 0.59 5.56 -2.10
N ASN F 48 0.15 5.75 -0.86
CA ASN F 48 -1.08 6.48 -0.56
C ASN F 48 -0.80 7.45 0.59
N PRO F 49 -0.53 8.71 0.30
CA PRO F 49 -0.17 9.66 1.36
C PRO F 49 -1.38 10.37 1.93
N MET F 50 -1.19 10.93 3.13
CA MET F 50 -2.28 11.51 3.90
C MET F 50 -1.76 12.65 4.76
N ASP F 51 -2.63 13.63 5.02
CA ASP F 51 -2.31 14.75 5.89
C ASP F 51 -3.59 15.21 6.57
N LEU F 52 -3.41 16.00 7.64
CA LEU F 52 -4.57 16.40 8.46
C LEU F 52 -5.53 17.28 7.69
N ASN F 53 -5.04 18.12 6.78
CA ASN F 53 -5.94 18.97 6.01
C ASN F 53 -6.88 18.13 5.16
N THR F 54 -6.43 16.94 4.73
CA THR F 54 -7.31 16.06 3.98
C THR F 54 -8.42 15.51 4.88
N ILE F 55 -8.05 14.98 6.04
CA ILE F 55 -9.06 14.47 6.95
C ILE F 55 -10.01 15.59 7.38
N LYS F 56 -9.49 16.82 7.51
CA LYS F 56 -10.34 17.94 7.89
C LYS F 56 -11.35 18.26 6.80
N LYS F 57 -10.87 18.47 5.57
CA LYS F 57 -11.77 18.80 4.48
C LYS F 57 -12.76 17.68 4.20
N ARG F 58 -12.36 16.43 4.50
CA ARG F 58 -13.28 15.30 4.31
C ARG F 58 -14.35 15.26 5.38
N LEU F 59 -13.96 15.48 6.65
CA LEU F 59 -14.95 15.55 7.72
C LEU F 59 -15.87 16.75 7.52
N GLU F 60 -15.29 17.91 7.22
CA GLU F 60 -16.08 19.12 6.98
C GLU F 60 -17.23 18.84 6.00
N ASN F 61 -16.90 18.28 4.84
CA ASN F 61 -17.87 18.04 3.79
C ASN F 61 -18.51 16.66 3.88
N LYS F 62 -18.31 15.95 5.00
CA LYS F 62 -19.06 14.74 5.31
C LYS F 62 -18.84 13.66 4.25
N TYR F 63 -17.56 13.32 4.07
CA TYR F 63 -17.17 12.33 3.06
C TYR F 63 -16.85 10.97 3.67
N TYR F 64 -16.74 10.87 4.98
CA TYR F 64 -16.67 9.58 5.65
C TYR F 64 -18.08 9.14 6.02
N ALA F 65 -18.34 7.86 5.82
CA ALA F 65 -19.65 7.29 6.22
C ALA F 65 -19.54 6.73 7.62
N LYS F 66 -18.83 5.63 7.78
CA LYS F 66 -18.61 5.07 9.09
C LYS F 66 -17.49 5.86 9.76
N ALA F 67 -17.60 6.05 11.06
CA ALA F 67 -16.47 6.61 11.80
C ALA F 67 -15.21 5.85 11.44
N SER F 68 -15.29 4.52 11.40
CA SER F 68 -14.12 3.67 11.24
C SER F 68 -13.21 4.15 10.12
N GLU F 69 -13.77 4.45 8.95
CA GLU F 69 -12.93 4.76 7.80
C GLU F 69 -12.20 6.09 7.95
N CYS F 70 -12.60 6.94 8.90
CA CYS F 70 -11.80 8.13 9.21
C CYS F 70 -10.55 7.74 9.99
N ILE F 71 -10.68 6.81 10.94
CA ILE F 71 -9.54 6.39 11.74
C ILE F 71 -8.51 5.68 10.87
N GLU F 72 -8.97 4.98 9.83
CA GLU F 72 -8.05 4.45 8.82
C GLU F 72 -7.11 5.55 8.32
N ASP F 73 -7.69 6.62 7.76
CA ASP F 73 -6.88 7.71 7.21
C ASP F 73 -5.89 8.24 8.23
N PHE F 74 -6.31 8.34 9.50
CA PHE F 74 -5.39 8.79 10.54
C PHE F 74 -4.17 7.88 10.63
N ASN F 75 -4.40 6.61 10.96
CA ASN F 75 -3.29 5.68 11.13
C ASN F 75 -2.47 5.55 9.86
N THR F 76 -3.09 5.74 8.69
CA THR F 76 -2.32 5.80 7.46
C THR F 76 -1.30 6.92 7.52
N MET F 77 -1.74 8.12 7.88
CA MET F 77 -0.84 9.26 8.06
C MET F 77 0.28 8.92 9.04
N PHE F 78 -0.04 8.16 10.09
CA PHE F 78 0.95 7.83 11.10
C PHE F 78 1.91 6.75 10.60
N SER F 79 1.36 5.61 10.17
CA SER F 79 2.20 4.51 9.72
C SER F 79 3.09 4.94 8.55
N ASN F 80 2.54 5.75 7.65
CA ASN F 80 3.33 6.27 6.53
C ASN F 80 4.59 6.96 7.03
N CYS F 81 4.47 7.75 8.10
CA CYS F 81 5.64 8.43 8.64
C CYS F 81 6.63 7.45 9.23
N TYR F 82 6.14 6.46 9.99
CA TYR F 82 7.03 5.48 10.61
C TYR F 82 7.82 4.72 9.55
N LEU F 83 7.12 4.26 8.51
CA LEU F 83 7.76 3.53 7.42
C LEU F 83 8.98 4.27 6.88
N TYR F 84 8.78 5.49 6.39
CA TYR F 84 9.83 6.17 5.64
C TYR F 84 10.99 6.59 6.54
N ASN F 85 10.70 7.01 7.77
CA ASN F 85 11.71 7.63 8.62
C ASN F 85 12.26 6.65 9.64
N LYS F 86 13.45 6.99 10.14
CA LYS F 86 14.12 6.17 11.14
C LYS F 86 13.56 6.44 12.53
N PRO F 87 13.69 5.47 13.44
CA PRO F 87 13.23 5.71 14.82
C PRO F 87 13.76 7.00 15.44
N GLY F 88 15.01 7.38 15.14
CA GLY F 88 15.58 8.56 15.75
C GLY F 88 15.09 9.87 15.17
N ASP F 89 14.73 9.88 13.89
CA ASP F 89 14.27 11.08 13.20
C ASP F 89 13.32 11.87 14.09
N ASP F 90 13.54 13.19 14.14
CA ASP F 90 12.72 14.05 14.99
C ASP F 90 11.26 14.06 14.55
N ILE F 91 11.04 14.03 13.23
CA ILE F 91 9.67 14.01 12.70
C ILE F 91 8.89 12.82 13.27
N VAL F 92 9.58 11.73 13.61
CA VAL F 92 8.90 10.56 14.13
C VAL F 92 8.46 10.78 15.58
N LEU F 93 9.32 11.39 16.40
CA LEU F 93 8.91 11.70 17.76
C LEU F 93 7.68 12.59 17.77
N MET F 94 7.67 13.63 16.93
CA MET F 94 6.47 14.43 16.78
C MET F 94 5.31 13.57 16.27
N ALA F 95 5.62 12.56 15.45
CA ALA F 95 4.57 11.66 14.98
C ALA F 95 4.08 10.75 16.10
N GLN F 96 5.00 10.20 16.89
CA GLN F 96 4.60 9.33 17.99
C GLN F 96 3.80 10.11 19.03
N ALA F 97 4.30 11.27 19.44
CA ALA F 97 3.59 12.06 20.45
C ALA F 97 2.20 12.45 19.97
N LEU F 98 2.04 12.70 18.67
CA LEU F 98 0.71 12.99 18.15
C LEU F 98 -0.22 11.80 18.25
N GLU F 99 0.32 10.58 18.14
CA GLU F 99 -0.52 9.38 18.26
C GLU F 99 -0.84 9.08 19.72
N LYS F 100 0.12 9.32 20.63
CA LYS F 100 -0.17 9.21 22.05
C LYS F 100 -1.35 10.09 22.43
N LEU F 101 -1.48 11.26 21.78
CA LEU F 101 -2.63 12.12 21.99
C LEU F 101 -3.87 11.55 21.31
N PHE F 102 -3.70 11.00 20.11
CA PHE F 102 -4.85 10.57 19.32
C PHE F 102 -5.51 9.33 19.93
N MET F 103 -4.71 8.38 20.43
CA MET F 103 -5.27 7.22 21.10
C MET F 103 -5.99 7.57 22.39
N GLN F 104 -5.66 8.73 22.98
CA GLN F 104 -6.34 9.15 24.21
C GLN F 104 -7.73 9.70 23.92
N LYS F 105 -7.81 10.74 23.07
CA LYS F 105 -9.10 11.32 22.73
C LYS F 105 -10.04 10.26 22.16
N LEU F 106 -9.51 9.28 21.42
CA LEU F 106 -10.34 8.25 20.84
C LEU F 106 -10.70 7.14 21.83
N SER F 107 -10.07 7.12 23.00
CA SER F 107 -10.49 6.24 24.08
C SER F 107 -11.64 6.84 24.90
N GLN F 108 -12.27 7.91 24.40
CA GLN F 108 -13.33 8.61 25.11
C GLN F 108 -14.57 8.80 24.23
N MET F 109 -14.75 7.95 23.21
CA MET F 109 -15.79 8.07 22.20
C MET F 109 -15.22 8.78 20.96
C63 ZN1 G . 26.28 -13.49 10.05
C57 ZN1 G . 24.94 -11.01 6.24
C59 ZN1 G . 26.56 -13.71 4.41
C61 ZN1 G . 26.10 -14.89 7.09
C39 ZN1 G . 20.16 -17.43 15.69
C37 ZN1 G . 18.37 -19.00 14.89
C41 ZN1 G . 21.15 -23.12 13.44
C51 ZN1 G . 21.67 -18.71 18.67
C55 ZN1 G . 24.22 -14.30 18.28
C11 ZN1 G . 8.40 -8.57 13.66
C53 ZN1 G . 23.87 -16.74 19.87
C31 ZN1 G . 24.14 -19.27 10.44
C12 ZN1 G . 14.67 -7.67 11.46
C10 ZN1 G . 12.25 -7.38 12.40
C01 ZN1 G . 11.47 -11.49 12.77
C02 ZN1 G . 12.02 -12.46 13.58
C03 ZN1 G . 12.85 -13.43 13.03
C04 ZN1 G . 13.15 -13.41 11.68
C05 ZN1 G . 12.61 -12.42 10.87
C06 ZN1 G . 11.77 -11.46 11.43
C07 ZN1 G . 10.84 -9.07 13.06
C08 ZN1 G . 9.80 -8.15 13.21
C09 ZN1 G . 10.07 -6.82 12.93
C13 ZN1 G . 15.15 -8.79 12.14
C14 ZN1 G . 16.23 -9.51 11.64
C15 ZN1 G . 16.88 -9.11 10.46
C16 ZN1 G . 16.41 -7.99 9.79
C17 ZN1 G . 15.32 -7.27 10.29
C18 ZN1 G . 14.34 -12.43 7.07
C19 ZN1 G . 13.24 -11.71 6.28
C20 ZN1 G . 13.99 -13.91 7.16
C21 ZN1 G . 15.70 -12.25 6.39
C22 ZN1 G . 18.07 -9.93 9.93
C23 ZN1 G . 20.00 -10.31 8.32
C24 ZN1 G . 21.30 -9.74 8.72
C25 ZN1 G . 22.47 -10.48 8.05
C26 ZN1 G . 21.09 -9.94 6.06
C27 ZN1 G . 19.91 -10.53 6.85
C28 ZN1 G . 23.58 -10.60 5.68
C29 ZN1 G . 25.45 -17.06 10.21
C30 ZN1 G . 24.31 -17.91 10.77
C32 ZN1 G . 23.09 -19.99 10.99
C33 ZN1 G . 22.21 -19.37 11.88
C34 ZN1 G . 22.39 -18.03 12.20
C35 ZN1 G . 23.42 -17.31 11.65
C36 ZN1 G . 19.04 -17.64 14.66
C38 ZN1 G . 18.02 -16.51 14.71
C40 ZN1 G . 22.20 -22.40 11.48
C42 ZN1 G . 21.33 -24.62 11.69
C43 ZN1 G . 21.98 -23.65 10.93
C44 ZN1 G . 22.44 -24.01 9.53
C45 ZN1 G . 20.90 -21.89 15.78
C46 ZN1 G . 20.03 -21.70 16.87
C47 ZN1 G . 20.26 -20.69 17.81
C48 ZN1 G . 21.36 -19.86 17.66
C49 ZN1 G . 22.22 -20.04 16.59
C50 ZN1 G . 22.00 -21.05 15.64
C52 ZN1 G . 22.80 -16.36 18.93
C54 ZN1 G . 24.64 -15.51 20.36
C56 ZN1 G . 23.15 -15.33 17.91
C58 ZN1 G . 25.88 -11.55 5.15
C60 ZN1 G . 26.23 -15.16 4.75
C62 ZN1 G . 26.92 -13.77 7.70
C64 ZN1 G . 26.79 -14.90 10.35
F01 ZN1 G . 17.02 -7.59 8.64
F02 ZN1 G . 23.30 -19.22 16.46
N01 ZN1 G . 10.60 -10.47 13.35
N02 ZN1 G . 11.29 -6.48 12.53
N03 ZN1 G . 12.04 -8.67 12.66
N04 ZN1 G . 13.56 -6.87 11.96
N05 ZN1 G . 12.87 -12.37 9.44
N06 ZN1 G . 18.87 -9.49 8.78
N07 ZN1 G . 22.45 -10.36 6.56
N08 ZN1 G . 25.72 -15.77 10.83
N09 ZN1 G . 21.47 -17.37 13.13
N10 ZN1 G . 22.91 -21.42 10.64
N11 ZN1 G . 21.78 -22.16 12.74
N12 ZN1 G . 20.93 -24.30 12.91
N13 ZN1 G . 20.61 -22.98 14.81
N14 ZN1 G . 22.40 -17.55 18.13
N15 ZN1 G . 25.26 -14.82 19.20
O01 ZN1 G . 15.51 -12.20 9.54
O02 ZN1 G . 14.41 -10.33 8.81
O03 ZN1 G . 18.35 -10.93 10.49
O04 ZN1 G . 23.44 -10.46 4.51
O05 ZN1 G . 26.09 -17.45 9.29
O06 ZN1 G . 19.46 -18.87 12.29
O07 ZN1 G . 19.13 -16.64 12.13
O08 ZN1 G . 21.32 -18.77 19.80
O09 ZN1 G . 25.55 -12.90 4.94
O10 ZN1 G . 26.78 -15.46 6.00
O11 ZN1 G . 26.11 -13.17 8.68
S01 ZN1 G . 14.34 -11.79 8.76
S02 ZN1 G . 19.77 -17.62 12.99
CL01 ZN1 G . 14.24 -14.67 11.02
H1 ZN1 G . 25.31 -13.37 10.53
H2 ZN1 G . 26.98 -12.77 10.48
H3 ZN1 G . 25.41 -10.14 6.70
H4 ZN1 G . 24.80 -11.77 6.99
H5 ZN1 G . 26.61 -13.58 3.33
H6 ZN1 G . 27.52 -13.43 4.84
H7 ZN1 G . 25.92 -15.64 7.83
H8 ZN1 G . 25.16 -14.49 6.74
H9 ZN1 G . 19.82 -17.76 16.66
H10 ZN1 G . 20.40 -16.37 15.72
H11 ZN1 G . 21.03 -17.99 15.38
H12 ZN1 G . 17.90 -19.01 15.88
H13 ZN1 G . 17.62 -19.16 14.12
H14 ZN1 G . 19.12 -19.79 14.85
H15 ZN1 G . 24.70 -13.95 17.38
H16 ZN1 G . 23.73 -13.46 18.77
H17 ZN1 G . 7.83 -7.69 13.95
H18 ZN1 G . 8.48 -9.23 14.51
H19 ZN1 G . 7.89 -9.08 12.85
H20 ZN1 G . 24.55 -17.41 19.38
H21 ZN1 G . 23.43 -17.23 20.73
H22 ZN1 G . 24.82 -19.74 9.75
H23 ZN1 G . 11.79 -12.49 14.64
H24 ZN1 G . 13.29 -14.20 13.67
H25 ZN1 G . 11.35 -10.69 10.80
H26 ZN1 G . 9.30 -6.07 13.03
H27 ZN1 G . 14.67 -9.11 13.07
H28 ZN1 G . 16.58 -10.39 12.16
H29 ZN1 G . 14.98 -6.39 9.77
H30 ZN1 G . 13.06 -12.24 5.35
H31 ZN1 G . 12.33 -11.68 6.87
H32 ZN1 G . 13.56 -10.70 6.07
H33 ZN1 G . 14.47 -14.44 6.35
H34 ZN1 G . 14.34 -14.31 8.11
H35 ZN1 G . 12.91 -14.03 7.10
H36 ZN1 G . 16.07 -11.25 6.60
H37 ZN1 G . 16.39 -12.98 6.78
H38 ZN1 G . 15.59 -12.39 5.32
H39 ZN1 G . 19.89 -11.26 8.83
H40 ZN1 G . 21.33 -8.69 8.43
H41 ZN1 G . 21.41 -9.82 9.80
H42 ZN1 G . 23.40 -10.05 8.41
H43 ZN1 G . 22.43 -11.52 8.32
H44 ZN1 G . 20.99 -10.26 5.03
H45 ZN1 G . 21.02 -8.86 6.12
H46 ZN1 G . 19.87 -11.60 6.66
H47 ZN1 G . 19.00 -10.08 6.49
H48 ZN1 G . 21.39 -19.92 12.30
H49 ZN1 G . 23.55 -16.27 11.93
H50 ZN1 G . 17.92 -16.16 15.72
H51 ZN1 G . 18.36 -15.69 14.08
H52 ZN1 G . 17.07 -16.87 14.35
H53 ZN1 G . 21.13 -25.60 11.29
H54 ZN1 G . 22.04 -24.97 9.25
H55 ZN1 G . 23.52 -24.04 9.49
H56 ZN1 G . 22.08 -23.25 8.84
H57 ZN1 G . 19.17 -22.36 16.98
H58 ZN1 G . 19.57 -20.56 18.64
H59 ZN1 G . 22.69 -21.18 14.82
H60 ZN1 G . 22.00 -15.98 19.55
H61 ZN1 G . 23.97 -14.83 20.85
H62 ZN1 G . 25.42 -15.82 21.04
H63 ZN1 G . 22.25 -14.79 17.65
H64 ZN1 G . 23.50 -15.86 17.02
H65 ZN1 G . 25.73 -11.00 4.23
H66 ZN1 G . 26.91 -11.47 5.47
H67 ZN1 G . 26.68 -15.80 3.99
H68 ZN1 G . 25.17 -15.29 4.77
H69 ZN1 G . 27.18 -13.04 6.94
H70 ZN1 G . 27.82 -14.17 8.15
H71 ZN1 G . 27.57 -14.83 11.11
H72 ZN1 G . 27.22 -15.32 9.44
H73 ZN1 G . 9.84 -10.75 13.93
H74 ZN1 G . 13.69 -5.88 12.01
H75 ZN1 G . 12.15 -12.68 8.83
H76 ZN1 G . 18.65 -8.64 8.31
H77 ZN1 G . 25.16 -15.48 11.60
H78 ZN1 G . 21.82 -16.76 13.84
H79 ZN1 G . 23.29 -21.74 9.77
H80 ZN1 G . 20.00 -23.71 15.13
H81 ZN1 G . 22.66 -17.57 17.17
H82 ZN1 G . 25.82 -14.11 19.49
C63 ZN1 H . -15.98 -8.73 -36.66
C57 ZN1 H . -12.59 -12.70 -32.59
C59 ZN1 H . -12.26 -10.15 -34.07
C61 ZN1 H . -12.63 -7.98 -36.63
C39 ZN1 H . -22.13 -6.32 -28.87
C37 ZN1 H . -21.61 -8.11 -30.53
C41 ZN1 H . -21.82 -0.27 -33.25
C51 ZN1 H . -27.22 -4.56 -34.17
C55 ZN1 H . -26.88 -8.39 -37.54
C11 ZN1 H . -25.20 -14.44 -20.02
C53 ZN1 H . -25.73 -7.49 -35.04
C31 ZN1 H . -18.55 -4.52 -34.76
C12 ZN1 H . -21.87 -15.45 -25.73
C10 ZN1 H . -23.36 -15.74 -23.60
C01 ZN1 H . -23.98 -11.60 -23.03
C02 ZN1 H . -24.52 -10.36 -23.31
C03 ZN1 H . -23.80 -9.45 -24.08
C04 ZN1 H . -22.54 -9.77 -24.59
C05 ZN1 H . -22.00 -11.03 -24.30
C06 ZN1 H . -22.73 -11.90 -23.53
C07 ZN1 H . -24.30 -14.02 -22.36
C08 ZN1 H . -24.54 -14.90 -21.32
C09 ZN1 H . -24.15 -16.23 -21.49
C13 ZN1 H . -22.28 -14.24 -26.27
C14 ZN1 H . -21.46 -13.54 -27.16
C15 ZN1 H . -20.22 -14.06 -27.54
C16 ZN1 H . -19.81 -15.28 -27.01
C17 ZN1 H . -20.65 -15.97 -26.12
C18 ZN1 H . -18.57 -9.95 -23.77
C19 ZN1 H . -18.66 -8.44 -23.97
C20 ZN1 H . -19.32 -10.34 -22.50
C21 ZN1 H . -17.11 -10.37 -23.66
C22 ZN1 H . -19.33 -13.26 -28.51
C23 ZN1 H . -17.07 -12.82 -29.63
C24 ZN1 H . -17.45 -13.08 -31.04
C25 ZN1 H . -16.37 -13.76 -31.90
C26 ZN1 H . -14.65 -12.73 -30.39
C27 ZN1 H . -15.65 -13.12 -29.31
C28 ZN1 H . -13.99 -13.25 -32.84
C29 ZN1 H . -18.19 -6.70 -36.04
C30 ZN1 H . -18.98 -5.81 -35.08
C32 ZN1 H . -19.30 -3.74 -33.89
C33 ZN1 H . -20.47 -4.26 -33.32
C34 ZN1 H . -20.90 -5.54 -33.65
C35 ZN1 H . -20.15 -6.32 -34.52
C36 ZN1 H . -21.57 -6.61 -30.26
C38 ZN1 H . -20.14 -6.11 -30.38
C40 ZN1 H . -19.73 -1.22 -33.40
C42 ZN1 H . -19.99 1.13 -33.10
C43 ZN1 H . -19.15 0.02 -33.25
C44 ZN1 H . -17.65 0.21 -33.26
C45 ZN1 H . -24.18 -1.47 -33.52
C46 ZN1 H . -25.54 -1.31 -33.21
C47 ZN1 H . -26.43 -2.35 -33.44
C48 ZN1 H . -26.03 -3.56 -34.00
C49 ZN1 H . -24.67 -3.72 -34.32
C50 ZN1 H . -23.75 -2.67 -34.08
C52 ZN1 H . -26.43 -6.49 -35.88
C54 ZN1 H . -25.39 -8.83 -35.72
C56 ZN1 H . -27.29 -7.03 -36.99
C58 ZN1 H . -11.77 -12.45 -33.86
C60 ZN1 H . -11.47 -9.26 -35.02
C62 ZN1 H . -13.66 -9.02 -36.94
C64 ZN1 H . -16.10 -7.32 -37.24
F01 ZN1 H . -18.60 -15.81 -27.36
F02 ZN1 H . -24.19 -4.86 -34.86
N01 ZN1 H . -24.67 -12.61 -22.24
N02 ZN1 H . -23.58 -16.61 -22.62
N03 ZN1 H . -23.73 -14.47 -23.48
N04 ZN1 H . -22.73 -16.23 -24.82
N05 ZN1 H . -20.73 -11.61 -24.72
N06 ZN1 H . -17.91 -13.60 -28.70
N07 ZN1 H . -14.97 -13.23 -31.77
N08 ZN1 H . -16.80 -6.43 -36.32
N09 ZN1 H . -22.13 -6.13 -33.08
N10 ZN1 H . -18.82 -2.38 -33.56
N11 ZN1 H . -21.07 -1.35 -33.40
N12 ZN1 H . -21.30 0.93 -33.11
N13 ZN1 H . -23.31 -0.30 -33.23
N14 ZN1 H . -27.39 -5.79 -34.99
N15 ZN1 H . -26.55 -9.35 -36.47
O01 ZN1 H . -18.33 -11.77 -25.69
O02 ZN1 H . -19.47 -9.95 -26.36
O03 ZN1 H . -19.80 -12.38 -29.14
O04 ZN1 H . -14.29 -13.66 -33.91
O05 ZN1 H . -18.72 -7.61 -36.55
O06 ZN1 H . -24.05 -6.06 -31.26
O07 ZN1 H . -22.63 -4.30 -31.24
O08 ZN1 H . -28.18 -4.27 -33.56
O09 ZN1 H . -12.36 -11.43 -34.62
O10 ZN1 H . -12.24 -8.12 -35.30
O11 ZN1 H . -14.72 -8.85 -36.06
S01 ZN1 H . -19.29 -10.80 -25.18
S02 ZN1 H . -22.63 -5.74 -31.47
CL01 ZN1 H . -21.73 -8.52 -25.57
H1 ZN1 H . -16.75 -8.88 -35.91
H2 ZN1 H . -16.07 -9.47 -37.44
H3 ZN1 H . -12.68 -11.76 -32.05
H4 ZN1 H . -12.05 -13.41 -31.97
H5 ZN1 H . -13.26 -9.74 -33.92
H6 ZN1 H . -11.74 -10.20 -33.11
H7 ZN1 H . -11.76 -8.13 -37.28
H8 ZN1 H . -13.03 -7.00 -36.80
H9 ZN1 H . -21.82 -5.34 -28.55
H10 ZN1 H . -23.21 -6.38 -28.89
H11 ZN1 H . -21.75 -7.06 -28.17
H12 ZN1 H . -21.15 -8.33 -31.50
H13 ZN1 H . -22.64 -8.46 -30.54
H14 ZN1 H . -21.06 -8.64 -29.74
H15 ZN1 H . -26.03 -8.26 -38.19
H16 ZN1 H . -27.71 -8.78 -38.12
H17 ZN1 H . -26.05 -13.80 -20.25
H18 ZN1 H . -25.54 -15.30 -19.46
H19 ZN1 H . -24.49 -13.88 -19.43
H20 ZN1 H . -24.80 -7.05 -34.70
H21 ZN1 H . -26.35 -7.71 -34.19
H22 ZN1 H . -17.64 -4.12 -35.19
H23 ZN1 H . -25.50 -10.10 -22.92
H24 ZN1 H . -24.23 -8.48 -24.30
H25 ZN1 H . -22.30 -12.88 -23.31
H26 ZN1 H . -24.33 -16.96 -20.70
H27 ZN1 H . -23.25 -13.82 -26.00
H28 ZN1 H . -21.79 -12.58 -27.56
H29 ZN1 H . -20.32 -16.93 -25.73
H30 ZN1 H . -18.07 -7.93 -23.22
H31 ZN1 H . -18.30 -8.18 -24.96
H32 ZN1 H . -19.70 -8.13 -23.88
H33 ZN1 H . -19.40 -11.42 -22.45
H34 ZN1 H . -20.32 -9.91 -22.51
H35 ZN1 H . -18.78 -9.98 -21.63
H36 ZN1 H . -17.05 -11.45 -23.55
H37 ZN1 H . -16.65 -9.90 -22.80
H38 ZN1 H . -16.58 -10.07 -24.57
H39 ZN1 H . -17.25 -11.76 -29.50
H40 ZN1 H . -18.31 -13.72 -31.04
H41 ZN1 H . -17.69 -12.13 -31.51
H42 ZN1 H . -16.66 -13.65 -32.94
H43 ZN1 H . -16.36 -14.81 -31.64
H44 ZN1 H . -14.61 -11.64 -30.43
H45 ZN1 H . -13.68 -13.11 -30.10
H46 ZN1 H . -15.39 -12.60 -28.39
H47 ZN1 H . -15.57 -14.19 -29.14
H48 ZN1 H . -21.06 -3.66 -32.64
H49 ZN1 H . -20.47 -7.31 -34.77
H50 ZN1 H . -19.54 -6.55 -29.59
H51 ZN1 H . -20.13 -5.02 -30.28
H52 ZN1 H . -19.73 -6.38 -31.34
H53 ZN1 H . -19.58 2.13 -32.99
H54 ZN1 H . -17.27 0.05 -34.27
H55 ZN1 H . -17.20 -0.53 -32.59
H56 ZN1 H . -17.40 1.21 -32.93
H57 ZN1 H . -25.88 -0.38 -32.77
H58 ZN1 H . -27.48 -2.21 -33.19
H59 ZN1 H . -22.71 -2.80 -34.33
H60 ZN1 H . -25.66 -5.87 -36.33
H61 ZN1 H . -24.57 -8.67 -36.40
H62 ZN1 H . -25.11 -9.55 -34.97
H63 ZN1 H . -28.30 -7.11 -36.60
H64 ZN1 H . -27.27 -6.32 -37.79
H65 ZN1 H . -10.77 -12.17 -33.59
H66 ZN1 H . -11.75 -13.36 -34.45
H67 ZN1 H . -11.27 -9.80 -35.94
H68 ZN1 H . -10.54 -8.96 -34.56
H69 ZN1 H . -14.02 -8.91 -37.97
H70 ZN1 H . -13.24 -10.03 -36.82
H71 ZN1 H . -15.11 -6.93 -37.45
H72 ZN1 H . -16.65 -7.37 -38.17
H73 ZN1 H . -25.41 -12.33 -21.61
H74 ZN1 H . -22.90 -17.19 -25.07
H75 ZN1 H . -20.69 -12.61 -24.75
H76 ZN1 H . -17.51 -14.35 -28.19
H77 ZN1 H . -16.32 -5.67 -35.90
H78 ZN1 H . -22.69 -6.75 -33.63
H79 ZN1 H . -17.84 -2.23 -33.44
H80 ZN1 H . -23.77 0.56 -32.98
H81 ZN1 H . -28.29 -6.21 -34.93
H82 ZN1 H . -26.36 -10.21 -36.83
NA NA I . -25.79 9.30 -28.71
NA NA J . -20.20 -25.84 -21.85
C63 ZN1 K . 23.02 22.88 6.50
C57 ZN1 K . 21.98 17.58 11.10
C59 ZN1 K . 23.64 20.76 11.43
C61 ZN1 K . 23.61 23.57 9.57
C39 ZN1 K . 14.33 22.17 4.72
C37 ZN1 K . 14.53 23.51 6.82
C41 ZN1 K . 15.25 30.57 4.80
C51 ZN1 K . 14.41 26.15 -0.35
C55 ZN1 K . 17.48 23.48 -3.16
C11 ZN1 K . 4.90 14.02 7.32
C53 ZN1 K . 15.30 23.21 -1.27
C31 ZN1 K . 19.33 26.90 5.97
C12 ZN1 K . 11.56 14.10 6.91
C10 ZN1 K . 9.05 13.44 6.84
C01 ZN1 K . 7.61 17.44 7.37
C02 ZN1 K . 7.07 18.60 6.87
C03 ZN1 K . 7.81 19.77 6.86
C04 ZN1 K . 9.10 19.77 7.36
C05 ZN1 K . 9.65 18.62 7.88
C06 ZN1 K . 8.92 17.44 7.88
C07 ZN1 K . 7.30 14.89 7.15
C08 ZN1 K . 6.41 13.82 7.14
C09 ZN1 K . 6.93 12.55 6.96
C13 ZN1 K . 11.47 15.43 6.50
C14 ZN1 K . 12.55 16.29 6.74
C15 ZN1 K . 13.70 15.83 7.38
C16 ZN1 K . 13.77 14.51 7.78
C17 ZN1 K . 12.71 13.64 7.53
C18 ZN1 K . 11.12 18.75 11.32
C19 ZN1 K . 9.64 18.55 11.60
C20 ZN1 K . 11.41 20.23 11.16
C21 ZN1 K . 11.95 18.18 12.47
C22 ZN1 K . 14.87 16.79 7.65
C23 ZN1 K . 17.17 17.24 8.65
C24 ZN1 K . 17.56 17.07 10.08
C25 ZN1 K . 18.99 17.51 10.48
C26 ZN1 K . 19.44 17.91 8.03
C27 ZN1 K . 18.30 16.94 7.75
C28 ZN1 K . 21.45 17.77 9.68
C29 ZN1 K . 20.98 25.09 5.49
C30 ZN1 K . 19.56 25.64 5.41
C32 ZN1 K . 18.07 27.45 5.93
C33 ZN1 K . 17.01 26.77 5.31
C34 ZN1 K . 17.24 25.51 4.75
C35 ZN1 K . 18.52 24.95 4.80
C36 ZN1 K . 13.91 23.46 5.43
C38 ZN1 K . 12.39 23.49 5.55
C40 ZN1 K . 16.90 29.76 6.19
C42 ZN1 K . 15.75 31.79 6.69
C43 ZN1 K . 16.71 30.85 7.03
C44 ZN1 K . 17.55 31.01 8.29
C45 ZN1 K . 14.46 29.36 2.58
C46 ZN1 K . 15.64 28.68 2.29
C47 ZN1 K . 15.65 27.64 1.36
C48 ZN1 K . 14.47 27.29 0.69
C49 ZN1 K . 13.29 27.97 0.99
C50 ZN1 K . 13.28 29.01 1.92
C52 ZN1 K . 15.38 24.50 -2.01
C54 ZN1 K . 16.67 22.57 -1.07
C56 ZN1 K . 16.38 24.54 -3.11
C58 ZN1 K . 23.20 18.46 11.39
C60 ZN1 K . 23.38 21.24 9.99
C62 ZN1 K . 24.05 24.14 8.24
C64 ZN1 K . 22.71 23.33 5.07
F01 ZN1 K . 14.89 14.04 8.40
F02 ZN1 K . 12.13 27.64 0.34
N01 ZN1 K . 6.77 16.24 7.35
N02 ZN1 K . 8.24 12.41 6.82
N03 ZN1 K . 8.61 14.67 7.00
N04 ZN1 K . 10.47 13.15 6.66
N05 ZN1 K . 11.02 18.70 8.37
N06 ZN1 K . 16.06 16.33 8.39
N07 ZN1 K . 20.02 17.72 9.41
N08 ZN1 K . 21.34 23.79 4.96
N09 ZN1 K . 16.17 24.72 4.09
N10 ZN1 K . 17.92 28.79 6.56
N11 ZN1 K . 16.16 29.65 5.07
N12 ZN1 K . 15.04 31.61 5.57
N13 ZN1 K . 14.40 30.48 3.57
N14 ZN1 K . 15.59 25.58 -1.02
N15 ZN1 K . 17.24 22.24 -2.38
O01 ZN1 K . 11.15 16.49 9.79
O02 ZN1 K . 13.04 17.74 9.73
O03 ZN1 K . 14.82 17.91 7.26
O04 ZN1 K . 22.22 17.96 8.80
O05 ZN1 K . 21.81 25.75 6.02
O06 ZN1 K . 13.71 25.06 3.23
O07 ZN1 K . 14.18 26.15 5.16
O08 ZN1 K . 13.35 25.72 -0.64
O09 ZN1 K . 22.74 19.74 11.71
O10 ZN1 K . 24.23 22.32 9.74
O11 ZN1 K . 22.99 24.00 7.34
S01 ZN1 K . 11.58 17.89 9.78
S02 ZN1 K . 14.49 24.90 4.46
CL01 ZN1 K . 10.06 21.26 7.36
H1 ZN1 K . 22.27 22.17 6.83
H2 ZN1 K . 24.00 22.42 6.54
H3 ZN1 K . 21.19 17.84 11.80
H4 ZN1 K . 22.26 16.54 11.24
H5 ZN1 K . 24.66 20.40 11.51
H6 ZN1 K . 23.48 21.59 12.12
H7 ZN1 K . 23.91 24.24 10.37
H8 ZN1 K . 22.53 23.45 9.59
H9 ZN1 K . 15.39 22.22 4.48
H10 ZN1 K . 14.15 21.33 5.38
H11 ZN1 K . 13.74 22.05 3.81
H12 ZN1 K . 15.60 23.67 6.74
H13 ZN1 K . 14.35 22.55 7.33
H14 ZN1 K . 14.08 24.32 7.40
H15 ZN1 K . 18.40 23.92 -2.79
H16 ZN1 K . 17.62 23.19 -4.20
H17 ZN1 K . 4.53 14.66 6.51
H18 ZN1 K . 4.40 13.07 7.27
H19 ZN1 K . 4.71 14.50 8.26
H20 ZN1 K . 14.85 23.39 -0.31
H21 ZN1 K . 14.68 22.52 -1.83
H22 ZN1 K . 20.14 27.43 6.45
H23 ZN1 K . 6.06 18.59 6.47
H24 ZN1 K . 7.38 20.69 6.46
H25 ZN1 K . 9.34 16.52 8.27
H26 ZN1 K . 6.27 11.69 6.95
H27 ZN1 K . 10.59 15.79 5.99
H28 ZN1 K . 12.48 17.34 6.44
H29 ZN1 K . 12.77 12.60 7.84
H30 ZN1 K . 9.05 18.93 10.77
H31 ZN1 K . 9.36 19.08 12.50
H32 ZN1 K . 9.42 17.49 11.72
H33 ZN1 K . 10.82 20.64 10.35
H34 ZN1 K . 11.14 20.75 12.08
H35 ZN1 K . 12.47 20.37 10.97
H36 ZN1 K . 12.03 17.10 12.36
H37 ZN1 K . 11.46 18.41 13.41
H38 ZN1 K . 12.94 18.61 12.45
H39 ZN1 K . 16.86 18.26 8.45
H40 ZN1 K . 17.46 16.03 10.32
H41 ZN1 K . 16.86 17.65 10.67
H42 ZN1 K . 18.88 18.44 11.02
H43 ZN1 K . 19.36 16.75 11.14
H44 ZN1 K . 20.22 17.75 7.30
H45 ZN1 K . 19.06 18.92 7.95
H46 ZN1 K . 17.98 17.04 6.72
H47 ZN1 K . 18.64 15.92 7.91
H48 ZN1 K . 16.02 27.20 5.28
H49 ZN1 K . 18.69 23.97 4.37
H50 ZN1 K . 12.03 22.53 5.90
H51 ZN1 K . 11.96 23.70 4.56
H52 ZN1 K . 12.10 24.27 6.24
H53 ZN1 K . 15.57 32.65 7.32
H54 ZN1 K . 17.06 31.72 8.96
H55 ZN1 K . 17.63 30.04 8.79
H56 ZN1 K . 18.53 31.37 8.04
H57 ZN1 K . 16.57 28.95 2.81
H58 ZN1 K . 16.57 27.11 1.14
H59 ZN1 K . 12.37 29.54 2.14
H60 ZN1 K . 14.42 24.66 -2.50
H61 ZN1 K . 17.32 23.28 -0.56
H62 ZN1 K . 16.58 21.68 -0.47
H63 ZN1 K . 16.87 25.50 -3.05
H64 ZN1 K . 15.83 24.48 -4.04
H65 ZN1 K . 23.83 18.52 10.51
H66 ZN1 K . 23.76 18.06 12.22
H67 ZN1 K . 23.61 20.43 9.30
H68 ZN1 K . 22.36 21.54 9.89
H69 ZN1 K . 24.31 25.18 8.35
H70 ZN1 K . 24.92 23.59 7.87
H71 ZN1 K . 22.87 22.49 4.39
H72 ZN1 K . 23.38 24.13 4.80
H73 ZN1 K . 5.78 16.35 7.47
H74 ZN1 K . 10.72 12.23 6.35
H75 ZN1 K . 11.67 19.27 7.86
H76 ZN1 K . 16.09 15.38 8.70
H77 ZN1 K . 20.64 23.22 4.52
H78 ZN1 K . 16.43 24.05 3.39
H79 ZN1 K . 18.56 29.04 7.28
H80 ZN1 K . 13.74 31.22 3.40
H81 ZN1 K . 16.51 25.93 -0.82
H82 ZN1 K . 18.04 21.74 -2.28
#